data_5ECE
#
_entry.id   5ECE
#
_cell.length_a   54.970
_cell.length_b   59.980
_cell.length_c   77.190
_cell.angle_alpha   86.210
_cell.angle_beta   78.890
_cell.angle_gamma   89.060
#
_symmetry.space_group_name_H-M   'P 1'
#
loop_
_entity.id
_entity.type
_entity.pdbx_description
1 polymer Tankyrase-1
2 non-polymer 1,2-ETHANEDIOL
3 non-polymer 2-[4-[3-[(4-oxidanylidene-3~{H}-phthalazin-1-yl)methyl]phenyl]carbonylpiperazin-1-yl]pyridine-3-carbonitrile
4 non-polymer 'ZINC ION'
5 non-polymer 'ACETATE ION'
6 water water
#
_entity_poly.entity_id   1
_entity_poly.type   'polypeptide(L)'
_entity_poly.pdbx_seq_one_letter_code
;AGTILLDLAPEDKEYQSVEEEMQSTIREHRDGGNAGGIFNRYNVIRIQKVVNKKLRERFCHRQKEVSEENHNHHNERMLF
HGSPFINAIIHKGFDERHAYIGGMFGAGIYFAENSSKSNQYVYGIGGGTGCPTHKDRSCYICHRQMLFCRVTLGKSFLQF
STIKMAHAPPGHHSVIGRPSVNGLAYAEYVIYRGEQAYPEYLITYQIMKPEAP
;
_entity_poly.pdbx_strand_id   A,B,C,D
#
# COMPACT_ATOMS: atom_id res chain seq x y z
N ALA A 1 25.05 -4.67 16.04
CA ALA A 1 24.90 -5.74 15.04
C ALA A 1 25.05 -5.15 13.62
N GLY A 2 25.47 -5.98 12.66
CA GLY A 2 25.70 -5.59 11.24
C GLY A 2 24.46 -5.11 10.52
N THR A 3 24.40 -3.82 10.20
CA THR A 3 23.27 -3.18 9.52
C THR A 3 23.60 -2.85 8.05
N ILE A 4 22.63 -3.12 7.14
CA ILE A 4 22.70 -2.78 5.73
C ILE A 4 21.65 -1.70 5.49
N LEU A 5 22.03 -0.65 4.75
CA LEU A 5 21.12 0.43 4.35
C LEU A 5 20.87 0.27 2.85
N LEU A 6 19.59 0.06 2.47
CA LEU A 6 19.24 -0.13 1.06
C LEU A 6 18.58 1.12 0.53
N ASP A 7 19.21 1.76 -0.45
CA ASP A 7 18.67 2.99 -1.03
C ASP A 7 17.42 2.75 -1.86
N LEU A 8 16.35 3.52 -1.60
CA LEU A 8 15.11 3.46 -2.38
C LEU A 8 15.21 4.51 -3.49
N ALA A 9 14.75 4.16 -4.70
CA ALA A 9 14.78 5.05 -5.87
C ALA A 9 13.57 5.99 -5.85
N PRO A 10 13.73 7.29 -6.19
CA PRO A 10 12.59 8.21 -6.18
C PRO A 10 11.39 7.81 -7.05
N GLU A 11 11.61 6.96 -8.06
CA GLU A 11 10.58 6.42 -8.98
C GLU A 11 9.79 5.26 -8.37
N ASP A 12 10.32 4.61 -7.31
CA ASP A 12 9.67 3.50 -6.61
C ASP A 12 8.47 4.03 -5.78
N LYS A 13 7.34 3.30 -5.85
CA LYS A 13 6.09 3.58 -5.12
C LYS A 13 6.31 3.62 -3.59
N GLU A 14 7.26 2.83 -3.08
CA GLU A 14 7.61 2.72 -1.66
C GLU A 14 8.25 4.01 -1.15
N TYR A 15 9.18 4.57 -1.93
CA TYR A 15 9.85 5.84 -1.64
C TYR A 15 8.80 6.98 -1.59
N GLN A 16 7.89 6.98 -2.58
CA GLN A 16 6.83 7.96 -2.76
C GLN A 16 5.79 7.95 -1.65
N SER A 17 5.49 6.75 -1.14
CA SER A 17 4.53 6.56 -0.04
C SER A 17 5.10 7.13 1.25
N VAL A 18 6.42 6.93 1.49
CA VAL A 18 7.15 7.42 2.66
C VAL A 18 7.24 8.95 2.62
N GLU A 19 7.65 9.51 1.48
CA GLU A 19 7.73 10.96 1.29
C GLU A 19 6.34 11.64 1.47
N GLU A 20 5.30 11.06 0.88
CA GLU A 20 3.94 11.56 0.98
C GLU A 20 3.44 11.57 2.43
N GLU A 21 3.78 10.54 3.23
CA GLU A 21 3.43 10.49 4.64
C GLU A 21 4.13 11.61 5.41
N MET A 22 5.42 11.82 5.13
CA MET A 22 6.26 12.85 5.75
C MET A 22 5.75 14.27 5.43
N GLN A 23 5.48 14.56 4.13
CA GLN A 23 5.03 15.87 3.66
C GLN A 23 3.61 16.20 4.15
N SER A 24 2.66 15.26 3.99
CA SER A 24 1.25 15.46 4.35
C SER A 24 0.97 15.60 5.89
N THR A 25 1.86 15.10 6.76
CA THR A 25 1.64 15.18 8.21
C THR A 25 2.26 16.45 8.89
N ILE A 26 2.82 17.40 8.09
CA ILE A 26 3.40 18.64 8.60
C ILE A 26 2.24 19.48 9.18
N ARG A 27 2.45 20.11 10.34
CA ARG A 27 1.51 21.01 10.97
C ARG A 27 2.26 22.27 11.41
N GLU A 28 1.53 23.34 11.73
CA GLU A 28 2.09 24.58 12.28
C GLU A 28 2.16 24.36 13.80
N HIS A 29 3.30 24.65 14.46
CA HIS A 29 3.36 24.48 15.92
C HIS A 29 3.21 25.80 16.67
N ARG A 30 2.66 25.70 17.90
CA ARG A 30 2.43 26.80 18.87
C ARG A 30 3.73 27.61 19.12
N ASP A 31 4.88 26.93 18.95
CA ASP A 31 6.27 27.32 19.10
C ASP A 31 6.75 28.44 18.17
N GLY A 32 6.08 28.59 17.03
CA GLY A 32 6.45 29.56 16.00
C GLY A 32 7.69 29.12 15.23
N GLY A 33 8.04 27.83 15.34
CA GLY A 33 9.20 27.23 14.69
C GLY A 33 10.51 27.30 15.46
N ASN A 34 10.45 27.62 16.77
CA ASN A 34 11.66 27.75 17.59
C ASN A 34 12.50 26.48 17.67
N ALA A 35 11.87 25.33 17.93
CA ALA A 35 12.58 24.06 18.09
C ALA A 35 13.05 23.42 16.77
N GLY A 36 12.15 23.35 15.78
CA GLY A 36 12.43 22.68 14.51
C GLY A 36 12.66 23.53 13.28
N GLY A 37 12.35 24.82 13.36
CA GLY A 37 12.51 25.76 12.24
C GLY A 37 11.21 26.19 11.60
N ILE A 38 11.29 27.13 10.64
CA ILE A 38 10.14 27.67 9.93
C ILE A 38 10.14 27.09 8.52
N PHE A 39 9.09 26.33 8.18
CA PHE A 39 8.94 25.63 6.90
C PHE A 39 7.50 25.12 6.75
N ASN A 40 7.08 24.84 5.51
CA ASN A 40 5.77 24.23 5.25
C ASN A 40 5.97 22.96 4.38
N ARG A 41 7.24 22.66 3.99
CA ARG A 41 7.67 21.54 3.14
C ARG A 41 9.10 21.11 3.47
N TYR A 42 9.44 19.85 3.18
CA TYR A 42 10.80 19.32 3.28
C TYR A 42 11.39 19.14 1.88
N ASN A 43 12.71 19.03 1.81
CA ASN A 43 13.41 18.59 0.63
C ASN A 43 13.98 17.18 1.00
N VAL A 44 13.37 16.10 0.48
CA VAL A 44 13.87 14.74 0.72
C VAL A 44 15.14 14.46 -0.12
N ILE A 45 16.25 14.11 0.55
CA ILE A 45 17.54 13.84 -0.13
C ILE A 45 17.67 12.33 -0.47
N ARG A 46 17.34 11.47 0.50
CA ARG A 46 17.53 10.02 0.40
C ARG A 46 16.53 9.34 1.32
N ILE A 47 16.04 8.16 0.92
CA ILE A 47 15.20 7.29 1.73
C ILE A 47 15.87 5.90 1.68
N GLN A 48 16.27 5.38 2.87
CA GLN A 48 16.96 4.10 2.98
C GLN A 48 16.18 3.13 3.85
N LYS A 49 16.11 1.87 3.44
CA LYS A 49 15.47 0.82 4.20
C LYS A 49 16.56 0.19 5.09
N VAL A 50 16.29 0.09 6.38
CA VAL A 50 17.21 -0.44 7.40
C VAL A 50 17.01 -1.94 7.54
N VAL A 51 18.13 -2.68 7.38
CA VAL A 51 18.15 -4.15 7.48
C VAL A 51 19.14 -4.59 8.56
N ASN A 52 18.60 -5.15 9.65
CA ASN A 52 19.37 -5.69 10.76
C ASN A 52 18.70 -6.97 11.25
N LYS A 53 19.39 -8.11 11.07
CA LYS A 53 18.89 -9.45 11.41
C LYS A 53 18.47 -9.59 12.88
N LYS A 54 19.34 -9.22 13.82
CA LYS A 54 19.05 -9.35 15.26
C LYS A 54 17.91 -8.45 15.69
N LEU A 55 17.80 -7.22 15.14
CA LEU A 55 16.72 -6.29 15.51
C LEU A 55 15.40 -6.75 14.98
N ARG A 56 15.38 -7.34 13.77
CA ARG A 56 14.18 -7.88 13.16
C ARG A 56 13.67 -9.10 14.01
N GLU A 57 14.59 -10.00 14.47
CA GLU A 57 14.27 -11.13 15.34
C GLU A 57 13.63 -10.67 16.65
N ARG A 58 14.26 -9.71 17.37
CA ARG A 58 13.69 -9.16 18.62
C ARG A 58 12.29 -8.58 18.39
N PHE A 59 12.14 -7.77 17.32
CA PHE A 59 10.87 -7.15 16.92
C PHE A 59 9.77 -8.16 16.62
N CYS A 60 10.07 -9.14 15.75
CA CYS A 60 9.07 -10.15 15.37
C CYS A 60 8.63 -11.02 16.54
N HIS A 61 9.58 -11.40 17.41
CA HIS A 61 9.32 -12.19 18.60
C HIS A 61 8.36 -11.42 19.55
N ARG A 62 8.62 -10.11 19.77
CA ARG A 62 7.76 -9.28 20.62
C ARG A 62 6.36 -9.11 20.03
N GLN A 63 6.28 -8.87 18.72
CA GLN A 63 5.01 -8.70 18.00
C GLN A 63 4.08 -9.89 18.17
N LYS A 64 4.63 -11.12 18.10
CA LYS A 64 3.90 -12.37 18.30
C LYS A 64 3.33 -12.46 19.72
N GLU A 65 4.13 -12.06 20.75
CA GLU A 65 3.73 -12.05 22.16
C GLU A 65 2.56 -11.08 22.35
N VAL A 66 2.65 -9.85 21.76
CA VAL A 66 1.63 -8.80 21.91
C VAL A 66 0.30 -9.23 21.24
N SER A 67 0.38 -9.79 20.03
CA SER A 67 -0.77 -10.30 19.29
C SER A 67 -1.52 -11.36 20.11
N GLU A 68 -0.77 -12.30 20.73
CA GLU A 68 -1.34 -13.37 21.58
C GLU A 68 -2.07 -12.81 22.81
N GLU A 69 -1.49 -11.76 23.42
CA GLU A 69 -2.05 -11.09 24.59
C GLU A 69 -3.24 -10.22 24.23
N ASN A 70 -3.33 -9.71 22.99
CA ASN A 70 -4.38 -8.77 22.58
C ASN A 70 -5.36 -9.33 21.52
N HIS A 71 -5.89 -10.54 21.76
CA HIS A 71 -6.89 -11.22 20.90
C HIS A 71 -6.56 -11.17 19.39
N ASN A 72 -5.28 -11.40 19.06
CA ASN A 72 -4.68 -11.43 17.72
C ASN A 72 -4.58 -10.04 17.05
N HIS A 73 -4.57 -8.97 17.84
CA HIS A 73 -4.40 -7.59 17.33
C HIS A 73 -3.08 -6.99 17.82
N HIS A 74 -2.01 -7.07 17.01
CA HIS A 74 -0.74 -6.46 17.40
C HIS A 74 -0.77 -4.95 17.22
N ASN A 75 -1.74 -4.45 16.40
CA ASN A 75 -2.01 -3.03 16.09
C ASN A 75 -0.72 -2.25 15.76
N GLU A 76 -0.02 -2.71 14.72
CA GLU A 76 1.20 -2.07 14.25
C GLU A 76 0.84 -0.77 13.51
N ARG A 77 1.62 0.28 13.77
CA ARG A 77 1.49 1.58 13.12
C ARG A 77 2.86 2.06 12.67
N MET A 78 2.88 2.81 11.58
CA MET A 78 4.07 3.46 11.04
C MET A 78 4.05 4.85 11.67
N LEU A 79 5.10 5.16 12.45
CA LEU A 79 5.23 6.42 13.17
C LEU A 79 6.62 6.99 13.05
N PHE A 80 6.75 8.33 13.19
CA PHE A 80 8.02 9.03 13.10
C PHE A 80 8.77 9.10 14.42
N HIS A 81 10.10 9.12 14.35
CA HIS A 81 10.98 9.27 15.51
C HIS A 81 12.17 10.11 15.10
N GLY A 82 12.34 11.24 15.78
CA GLY A 82 13.42 12.18 15.58
C GLY A 82 14.31 12.16 16.80
N SER A 83 15.65 12.15 16.60
CA SER A 83 16.64 12.12 17.71
C SER A 83 18.10 12.29 17.22
N PRO A 84 19.02 12.83 18.10
CA PRO A 84 20.44 12.91 17.72
C PRO A 84 21.16 11.53 17.81
N PHE A 85 20.44 10.46 18.19
CA PHE A 85 21.04 9.14 18.36
C PHE A 85 20.62 8.08 17.31
N ILE A 86 20.24 8.52 16.09
CA ILE A 86 19.84 7.71 14.92
C ILE A 86 20.86 6.58 14.62
N ASN A 87 22.18 6.88 14.77
CA ASN A 87 23.24 5.90 14.50
C ASN A 87 23.21 4.74 15.47
N ALA A 88 22.99 5.01 16.76
CA ALA A 88 22.89 3.97 17.78
C ALA A 88 21.61 3.15 17.57
N ILE A 89 20.50 3.81 17.21
CA ILE A 89 19.20 3.12 16.99
C ILE A 89 19.24 2.10 15.82
N ILE A 90 19.82 2.47 14.67
CA ILE A 90 19.85 1.57 13.50
C ILE A 90 20.85 0.39 13.70
N HIS A 91 21.78 0.48 14.67
CA HIS A 91 22.78 -0.57 14.93
C HIS A 91 22.44 -1.44 16.14
N LYS A 92 21.93 -0.81 17.23
CA LYS A 92 21.63 -1.51 18.47
C LYS A 92 20.14 -1.62 18.77
N GLY A 93 19.32 -0.86 18.05
CA GLY A 93 17.87 -0.80 18.23
C GLY A 93 17.47 0.21 19.29
N PHE A 94 16.16 0.42 19.45
CA PHE A 94 15.57 1.28 20.47
C PHE A 94 15.79 0.62 21.84
N ASP A 95 16.17 1.41 22.87
CA ASP A 95 16.44 0.89 24.20
C ASP A 95 15.76 1.79 25.24
N GLU A 96 14.75 1.26 25.96
CA GLU A 96 13.99 2.01 26.99
C GLU A 96 14.86 2.49 28.15
N ARG A 97 16.05 1.87 28.35
CA ARG A 97 17.00 2.23 29.42
C ARG A 97 17.59 3.63 29.25
N HIS A 98 17.52 4.21 28.01
CA HIS A 98 17.98 5.56 27.71
C HIS A 98 16.87 6.61 27.88
N ALA A 99 15.62 6.19 28.20
CA ALA A 99 14.48 7.08 28.39
C ALA A 99 14.33 7.52 29.87
N TYR A 100 14.63 8.79 30.28
CA TYR A 100 15.23 9.99 29.66
C TYR A 100 15.28 9.96 28.13
N GLY A 106 7.77 11.85 30.28
CA GLY A 106 7.86 10.58 30.98
C GLY A 106 9.04 9.72 30.56
N ALA A 107 9.07 8.44 31.03
CA ALA A 107 10.16 7.49 30.75
C ALA A 107 9.68 6.29 29.95
N GLY A 108 9.71 6.48 28.64
CA GLY A 108 9.38 5.52 27.60
C GLY A 108 9.94 6.05 26.30
N ILE A 109 9.69 5.33 25.17
CA ILE A 109 10.18 5.72 23.85
C ILE A 109 9.02 6.37 23.12
N TYR A 110 9.24 7.60 22.63
CA TYR A 110 8.25 8.47 21.99
C TYR A 110 8.29 8.50 20.48
N PHE A 111 7.11 8.45 19.86
CA PHE A 111 6.90 8.52 18.42
C PHE A 111 5.78 9.51 18.15
N ALA A 112 5.73 10.01 16.91
CA ALA A 112 4.73 10.97 16.46
C ALA A 112 4.07 10.51 15.15
N GLU A 113 2.81 10.89 14.95
CA GLU A 113 2.11 10.63 13.70
C GLU A 113 2.36 11.82 12.73
N ASN A 114 2.95 12.92 13.25
CA ASN A 114 3.30 14.12 12.49
C ASN A 114 4.79 14.24 12.38
N SER A 115 5.31 14.21 11.14
CA SER A 115 6.76 14.32 10.90
C SER A 115 7.37 15.58 11.55
N SER A 116 6.66 16.73 11.46
CA SER A 116 7.04 18.05 12.00
C SER A 116 7.26 18.01 13.50
N LYS A 117 6.55 17.11 14.21
CA LYS A 117 6.74 16.91 15.63
C LYS A 117 8.11 16.28 15.88
N SER A 118 8.42 15.16 15.20
CA SER A 118 9.72 14.46 15.29
C SER A 118 10.91 15.35 14.88
N ASN A 119 10.70 16.25 13.88
CA ASN A 119 11.71 17.23 13.41
C ASN A 119 12.17 18.19 14.55
N GLN A 120 11.31 18.46 15.55
CA GLN A 120 11.62 19.29 16.72
C GLN A 120 12.70 18.66 17.65
N TYR A 121 12.96 17.35 17.50
CA TYR A 121 13.84 16.54 18.35
C TYR A 121 15.13 16.05 17.71
N VAL A 122 15.28 16.26 16.43
CA VAL A 122 16.45 15.88 15.62
C VAL A 122 17.79 16.41 16.20
N TYR A 123 17.79 17.61 16.74
CA TYR A 123 19.03 18.18 17.30
C TYR A 123 19.09 18.15 18.83
N GLY A 124 18.06 17.56 19.43
CA GLY A 124 17.92 17.47 20.87
C GLY A 124 16.58 18.01 21.31
N ILE A 125 16.32 17.98 22.63
CA ILE A 125 15.11 18.49 23.26
C ILE A 125 15.03 20.00 23.01
N GLY A 126 13.90 20.44 22.46
CA GLY A 126 13.69 21.85 22.13
C GLY A 126 14.55 22.30 20.96
N GLY A 127 15.08 21.31 20.22
CA GLY A 127 15.97 21.52 19.08
C GLY A 127 17.42 21.75 19.47
N GLY A 128 17.76 21.57 20.76
CA GLY A 128 19.11 21.76 21.30
C GLY A 128 19.70 23.12 20.88
N THR A 129 20.91 23.08 20.31
CA THR A 129 21.58 24.28 19.81
C THR A 129 21.58 24.29 18.27
N GLY A 130 20.67 23.54 17.67
CA GLY A 130 20.56 23.42 16.22
C GLY A 130 21.66 22.58 15.61
N CYS A 131 21.88 22.77 14.31
CA CYS A 131 22.88 22.01 13.56
C CYS A 131 24.30 22.16 14.14
N PRO A 132 25.14 21.12 14.06
CA PRO A 132 26.53 21.22 14.55
C PRO A 132 27.37 22.33 13.91
N THR A 133 27.25 22.51 12.58
CA THR A 133 28.05 23.48 11.83
C THR A 133 27.68 24.94 12.08
N HIS A 134 26.39 25.27 12.04
CA HIS A 134 25.99 26.69 12.14
C HIS A 134 25.28 27.05 13.44
N LYS A 135 25.02 26.05 14.31
CA LYS A 135 24.31 26.26 15.58
C LYS A 135 22.96 26.98 15.28
N ASP A 136 22.18 26.43 14.33
CA ASP A 136 20.92 27.03 13.86
C ASP A 136 19.82 25.98 13.87
N ARG A 137 18.77 26.22 14.68
CA ARG A 137 17.64 25.31 14.80
C ARG A 137 16.76 25.31 13.58
N SER A 138 16.83 26.38 12.80
CA SER A 138 16.11 26.56 11.55
C SER A 138 17.03 26.46 10.31
N CYS A 139 18.18 25.76 10.42
CA CYS A 139 19.13 25.60 9.32
C CYS A 139 18.45 24.96 8.11
N TYR A 140 18.57 25.58 6.96
CA TYR A 140 18.00 25.11 5.69
C TYR A 140 19.05 24.37 4.85
N ILE A 141 20.30 24.31 5.35
CA ILE A 141 21.42 23.73 4.63
C ILE A 141 21.72 22.30 5.09
N CYS A 142 21.98 22.13 6.39
CA CYS A 142 22.39 20.87 6.97
C CYS A 142 21.36 19.78 6.82
N HIS A 143 21.86 18.59 6.46
CA HIS A 143 21.07 17.39 6.22
C HIS A 143 20.68 16.80 7.57
N ARG A 144 19.37 16.70 7.79
CA ARG A 144 18.79 16.13 9.00
C ARG A 144 18.38 14.71 8.65
N GLN A 145 18.15 13.90 9.69
CA GLN A 145 17.71 12.53 9.58
C GLN A 145 16.63 12.25 10.57
N MET A 146 15.64 11.48 10.15
CA MET A 146 14.57 11.00 11.04
C MET A 146 14.21 9.58 10.64
N LEU A 147 13.52 8.87 11.53
CA LEU A 147 13.10 7.52 11.24
C LEU A 147 11.60 7.43 11.05
N PHE A 148 11.18 6.55 10.15
CA PHE A 148 9.77 6.19 9.95
C PHE A 148 9.77 4.67 10.33
N CYS A 149 9.20 4.38 11.51
CA CYS A 149 9.26 3.07 12.19
C CYS A 149 7.99 2.29 12.22
N ARG A 150 8.14 0.92 12.31
CA ARG A 150 7.04 0.02 12.54
C ARG A 150 6.96 -0.01 14.05
N VAL A 151 5.79 0.29 14.62
CA VAL A 151 5.61 0.32 16.07
C VAL A 151 4.45 -0.62 16.45
N THR A 152 4.73 -1.62 17.32
CA THR A 152 3.75 -2.58 17.85
C THR A 152 3.07 -1.84 19.04
N LEU A 153 1.80 -1.45 18.83
CA LEU A 153 1.06 -0.72 19.85
C LEU A 153 0.20 -1.62 20.75
N GLY A 154 -0.24 -2.76 20.24
CA GLY A 154 -1.13 -3.68 20.97
C GLY A 154 -2.36 -2.93 21.45
N LYS A 155 -2.73 -3.12 22.72
CA LYS A 155 -3.84 -2.34 23.26
C LYS A 155 -3.29 -1.03 23.83
N SER A 156 -3.72 0.11 23.26
CA SER A 156 -3.28 1.44 23.65
C SER A 156 -4.15 2.05 24.72
N PHE A 157 -3.53 2.71 25.70
CA PHE A 157 -4.24 3.39 26.75
C PHE A 157 -4.29 4.87 26.35
N LEU A 158 -5.49 5.39 26.13
CA LEU A 158 -5.74 6.75 25.66
C LEU A 158 -5.85 7.74 26.81
N GLN A 159 -5.04 8.83 26.79
CA GLN A 159 -5.08 9.93 27.76
C GLN A 159 -4.87 11.32 27.10
N PHE A 160 -5.20 12.40 27.84
CA PHE A 160 -5.08 13.79 27.40
C PHE A 160 -3.99 14.49 28.17
N SER A 161 -3.74 14.05 29.40
CA SER A 161 -2.71 14.60 30.28
C SER A 161 -1.35 14.24 29.72
N THR A 162 -0.28 14.89 30.21
CA THR A 162 1.07 14.58 29.77
C THR A 162 1.41 13.17 30.31
N ILE A 163 2.11 12.35 29.50
CA ILE A 163 2.41 10.97 29.89
C ILE A 163 3.49 10.97 30.98
N LYS A 164 3.04 10.64 32.22
CA LYS A 164 3.85 10.57 33.45
C LYS A 164 3.80 9.15 34.08
N MET A 165 3.91 8.14 33.22
CA MET A 165 3.88 6.70 33.52
C MET A 165 5.22 6.07 33.28
N ALA A 166 5.53 5.02 34.03
CA ALA A 166 6.78 4.27 33.96
C ALA A 166 6.63 3.05 33.09
N HIS A 167 5.38 2.59 32.93
CA HIS A 167 5.02 1.41 32.13
C HIS A 167 3.61 1.61 31.66
N ALA A 168 3.17 0.80 30.71
CA ALA A 168 1.81 0.84 30.20
C ALA A 168 0.87 0.29 31.30
N PRO A 169 -0.39 0.79 31.44
CA PRO A 169 -1.28 0.27 32.47
C PRO A 169 -1.59 -1.22 32.29
N PRO A 170 -2.06 -1.95 33.33
CA PRO A 170 -2.39 -3.39 33.15
C PRO A 170 -3.28 -3.68 31.94
N GLY A 171 -2.96 -4.74 31.22
CA GLY A 171 -3.68 -5.15 30.03
C GLY A 171 -3.34 -4.39 28.76
N HIS A 172 -2.54 -3.30 28.86
CA HIS A 172 -2.15 -2.43 27.72
C HIS A 172 -0.68 -2.62 27.31
N HIS A 173 -0.30 -2.19 26.07
CA HIS A 173 1.07 -2.36 25.52
C HIS A 173 1.71 -1.05 25.08
N SER A 174 0.92 0.03 25.08
CA SER A 174 1.36 1.37 24.71
C SER A 174 0.46 2.43 25.35
N VAL A 175 0.88 3.71 25.28
CA VAL A 175 0.12 4.84 25.80
C VAL A 175 0.02 5.91 24.73
N ILE A 176 -1.20 6.44 24.53
CA ILE A 176 -1.35 7.53 23.55
C ILE A 176 -1.84 8.80 24.24
N GLY A 177 -1.07 9.87 24.07
CA GLY A 177 -1.38 11.21 24.54
C GLY A 177 -2.09 11.86 23.37
N ARG A 178 -3.40 12.12 23.54
CA ARG A 178 -4.23 12.69 22.48
CA ARG A 178 -4.28 12.68 22.51
C ARG A 178 -4.41 14.20 22.60
N PRO A 179 -4.33 14.96 21.46
CA PRO A 179 -4.53 16.42 21.54
C PRO A 179 -5.94 16.79 21.97
N SER A 180 -6.02 17.81 22.80
CA SER A 180 -7.23 18.37 23.36
C SER A 180 -7.01 19.86 23.55
N VAL A 181 -8.11 20.62 23.46
CA VAL A 181 -8.10 22.07 23.62
C VAL A 181 -7.59 22.33 25.03
N ASN A 182 -6.50 23.15 25.13
CA ASN A 182 -5.79 23.51 26.36
C ASN A 182 -4.94 22.32 26.92
N GLY A 183 -4.54 21.41 26.05
CA GLY A 183 -3.70 20.25 26.34
C GLY A 183 -2.62 20.05 25.28
N LEU A 184 -2.33 18.79 24.92
CA LEU A 184 -1.34 18.51 23.87
C LEU A 184 -1.73 19.14 22.51
N ALA A 185 -0.74 19.60 21.75
CA ALA A 185 -1.07 20.15 20.44
C ALA A 185 -1.01 19.02 19.40
N TYR A 186 -0.10 18.03 19.59
CA TYR A 186 0.06 16.88 18.69
C TYR A 186 -0.03 15.63 19.51
N ALA A 187 -0.46 14.51 18.86
CA ALA A 187 -0.54 13.21 19.50
C ALA A 187 0.88 12.68 19.77
N GLU A 188 1.03 11.93 20.86
CA GLU A 188 2.28 11.27 21.26
C GLU A 188 2.00 9.80 21.47
N TYR A 189 2.84 8.93 20.93
CA TYR A 189 2.74 7.47 21.04
C TYR A 189 3.91 7.03 21.86
N VAL A 190 3.65 6.27 22.92
CA VAL A 190 4.70 5.83 23.85
C VAL A 190 4.71 4.32 24.04
N ILE A 191 5.91 3.71 23.95
CA ILE A 191 6.16 2.28 24.23
C ILE A 191 7.21 2.21 25.34
N TYR A 192 7.23 1.11 26.08
CA TYR A 192 8.11 0.96 27.24
C TYR A 192 9.07 -0.20 27.07
N ARG A 193 9.11 -0.78 25.85
CA ARG A 193 10.03 -1.86 25.48
C ARG A 193 10.57 -1.53 24.11
N GLY A 194 11.90 -1.48 23.98
CA GLY A 194 12.55 -1.20 22.70
C GLY A 194 12.20 -2.15 21.57
N GLU A 195 11.85 -3.40 21.93
CA GLU A 195 11.50 -4.48 20.96
C GLU A 195 10.18 -4.24 20.25
N GLN A 196 9.38 -3.29 20.76
CA GLN A 196 8.08 -2.93 20.19
C GLN A 196 8.21 -1.89 19.06
N ALA A 197 9.45 -1.56 18.61
CA ALA A 197 9.70 -0.67 17.45
C ALA A 197 10.83 -1.15 16.59
N TYR A 198 10.64 -1.10 15.27
CA TYR A 198 11.69 -1.44 14.31
C TYR A 198 11.97 -0.17 13.48
N PRO A 199 13.25 0.30 13.37
CA PRO A 199 13.51 1.54 12.58
C PRO A 199 13.54 1.26 11.08
N GLU A 200 12.36 1.05 10.44
CA GLU A 200 12.24 0.62 9.02
C GLU A 200 12.93 1.52 7.99
N TYR A 201 12.63 2.84 8.03
CA TYR A 201 13.16 3.78 7.04
C TYR A 201 13.99 4.88 7.67
N LEU A 202 15.16 5.16 7.05
CA LEU A 202 16.03 6.23 7.47
C LEU A 202 15.87 7.33 6.40
N ILE A 203 15.29 8.49 6.78
CA ILE A 203 15.03 9.61 5.87
C ILE A 203 16.05 10.71 6.05
N THR A 204 16.77 11.09 4.97
CA THR A 204 17.71 12.21 4.96
C THR A 204 17.01 13.38 4.26
N TYR A 205 16.97 14.56 4.91
CA TYR A 205 16.21 15.67 4.37
C TYR A 205 16.69 17.02 4.85
N GLN A 206 16.10 18.06 4.29
CA GLN A 206 16.30 19.44 4.69
C GLN A 206 14.91 20.02 4.87
N ILE A 207 14.78 20.99 5.77
CA ILE A 207 13.54 21.74 5.87
C ILE A 207 13.68 22.83 4.78
N MET A 208 12.58 23.19 4.12
CA MET A 208 12.66 24.20 3.03
C MET A 208 12.26 25.60 3.49
N LYS A 209 13.04 26.61 3.04
CA LYS A 209 12.78 28.02 3.36
C LYS A 209 11.63 28.51 2.50
N PRO A 210 10.58 29.06 3.12
CA PRO A 210 9.45 29.56 2.32
C PRO A 210 9.86 30.67 1.34
N GLU A 211 9.21 30.70 0.15
CA GLU A 211 9.40 31.63 -0.95
C GLU A 211 9.23 33.10 -0.50
N ALA A 212 9.99 34.03 -1.08
CA ALA A 212 9.83 35.43 -0.70
C ALA A 212 8.65 36.06 -1.49
N PRO A 213 7.66 36.69 -0.80
CA PRO A 213 6.53 37.31 -1.54
C PRO A 213 6.93 38.41 -2.53
N ALA B 1 -28.75 -2.75 -7.52
CA ALA B 1 -28.52 -1.54 -6.72
C ALA B 1 -27.84 -0.48 -7.59
N GLY B 2 -28.02 0.81 -7.24
CA GLY B 2 -27.45 1.97 -7.96
C GLY B 2 -25.94 2.01 -7.93
N THR B 3 -25.31 1.86 -9.10
CA THR B 3 -23.85 1.87 -9.28
C THR B 3 -23.37 3.13 -9.98
N ILE B 4 -22.26 3.71 -9.49
CA ILE B 4 -21.57 4.85 -10.09
C ILE B 4 -20.20 4.32 -10.60
N LEU B 5 -19.84 4.70 -11.84
CA LEU B 5 -18.53 4.37 -12.41
C LEU B 5 -17.71 5.66 -12.43
N LEU B 6 -16.57 5.67 -11.74
CA LEU B 6 -15.70 6.86 -11.69
C LEU B 6 -14.50 6.64 -12.56
N ASP B 7 -14.34 7.48 -13.58
CA ASP B 7 -13.21 7.35 -14.52
C ASP B 7 -11.90 7.80 -13.87
N LEU B 8 -10.87 6.95 -13.99
CA LEU B 8 -9.53 7.28 -13.50
C LEU B 8 -8.75 7.90 -14.66
N ALA B 9 -7.93 8.93 -14.35
CA ALA B 9 -7.13 9.65 -15.34
C ALA B 9 -5.81 8.93 -15.56
N PRO B 10 -5.34 8.81 -16.82
CA PRO B 10 -4.05 8.11 -17.06
C PRO B 10 -2.83 8.64 -16.28
N GLU B 11 -2.86 9.92 -15.85
CA GLU B 11 -1.82 10.57 -15.05
C GLU B 11 -1.85 10.20 -13.57
N ASP B 12 -3.00 9.67 -13.08
CA ASP B 12 -3.19 9.24 -11.68
C ASP B 12 -2.39 7.94 -11.42
N LYS B 13 -1.70 7.89 -10.27
CA LYS B 13 -0.91 6.75 -9.79
C LYS B 13 -1.75 5.47 -9.65
N GLU B 14 -3.04 5.62 -9.33
CA GLU B 14 -4.00 4.54 -9.15
C GLU B 14 -4.29 3.83 -10.49
N TYR B 15 -4.50 4.61 -11.56
CA TYR B 15 -4.72 4.10 -12.92
C TYR B 15 -3.49 3.32 -13.38
N GLN B 16 -2.29 3.89 -13.13
CA GLN B 16 -0.99 3.35 -13.51
C GLN B 16 -0.65 2.06 -12.81
N SER B 17 -1.04 1.94 -11.53
CA SER B 17 -0.82 0.76 -10.70
C SER B 17 -1.68 -0.41 -11.23
N VAL B 18 -2.93 -0.12 -11.63
CA VAL B 18 -3.87 -1.11 -12.18
C VAL B 18 -3.39 -1.60 -13.55
N GLU B 19 -2.99 -0.66 -14.44
CA GLU B 19 -2.46 -0.99 -15.77
C GLU B 19 -1.19 -1.84 -15.67
N GLU B 20 -0.26 -1.46 -14.76
CA GLU B 20 0.98 -2.18 -14.52
C GLU B 20 0.72 -3.60 -14.02
N GLU B 21 -0.28 -3.80 -13.14
CA GLU B 21 -0.65 -5.13 -12.65
C GLU B 21 -1.19 -5.97 -13.79
N MET B 22 -2.02 -5.36 -14.64
CA MET B 22 -2.62 -6.01 -15.81
C MET B 22 -1.56 -6.44 -16.86
N GLN B 23 -0.66 -5.52 -17.25
CA GLN B 23 0.39 -5.76 -18.23
C GLN B 23 1.47 -6.74 -17.76
N SER B 24 1.94 -6.60 -16.51
CA SER B 24 2.98 -7.46 -15.93
C SER B 24 2.52 -8.91 -15.64
N THR B 25 1.19 -9.17 -15.58
CA THR B 25 0.70 -10.53 -15.27
C THR B 25 0.35 -11.35 -16.54
N ILE B 26 0.70 -10.84 -17.74
CA ILE B 26 0.50 -11.58 -19.00
C ILE B 26 1.49 -12.77 -19.05
N ARG B 27 0.98 -13.98 -19.33
CA ARG B 27 1.72 -15.25 -19.41
C ARG B 27 1.31 -16.00 -20.67
N GLU B 28 2.04 -17.10 -20.97
CA GLU B 28 1.77 -18.01 -22.08
C GLU B 28 0.97 -19.23 -21.57
N HIS B 29 -0.10 -19.55 -22.29
CA HIS B 29 -1.00 -20.62 -21.92
C HIS B 29 -0.95 -21.78 -22.95
N ARG B 30 -1.00 -23.05 -22.45
CA ARG B 30 -0.98 -24.33 -23.19
C ARG B 30 -1.84 -24.30 -24.48
N ASP B 31 -2.91 -23.50 -24.40
CA ASP B 31 -3.95 -23.15 -25.36
C ASP B 31 -3.45 -22.66 -26.75
N GLY B 32 -2.31 -21.96 -26.77
CA GLY B 32 -1.74 -21.35 -27.98
C GLY B 32 -2.47 -20.08 -28.43
N GLY B 33 -3.29 -19.52 -27.54
CA GLY B 33 -4.09 -18.34 -27.81
C GLY B 33 -5.47 -18.62 -28.40
N ASN B 34 -5.91 -19.89 -28.40
CA ASN B 34 -7.25 -20.23 -28.95
C ASN B 34 -8.40 -19.54 -28.23
N ALA B 35 -8.45 -19.63 -26.90
CA ALA B 35 -9.54 -19.01 -26.13
C ALA B 35 -9.50 -17.46 -26.07
N GLY B 36 -8.33 -16.87 -25.79
CA GLY B 36 -8.21 -15.42 -25.58
C GLY B 36 -7.53 -14.59 -26.67
N GLY B 37 -6.86 -15.25 -27.61
CA GLY B 37 -6.13 -14.58 -28.68
C GLY B 37 -4.62 -14.61 -28.54
N ILE B 38 -3.92 -14.09 -29.54
CA ILE B 38 -2.45 -14.05 -29.59
C ILE B 38 -1.99 -12.62 -29.40
N PHE B 39 -1.26 -12.35 -28.30
CA PHE B 39 -0.81 -11.02 -27.89
C PHE B 39 0.28 -11.14 -26.81
N ASN B 40 1.07 -10.08 -26.63
CA ASN B 40 2.07 -10.00 -25.56
C ASN B 40 1.85 -8.72 -24.72
N ARG B 41 0.88 -7.86 -25.14
CA ARG B 41 0.52 -6.58 -24.50
C ARG B 41 -0.96 -6.25 -24.75
N TYR B 42 -1.53 -5.40 -23.89
CA TYR B 42 -2.89 -4.89 -24.07
C TYR B 42 -2.81 -3.40 -24.46
N ASN B 43 -3.90 -2.89 -25.02
CA ASN B 43 -4.10 -1.47 -25.19
C ASN B 43 -5.23 -1.08 -24.18
N VAL B 44 -4.88 -0.43 -23.04
CA VAL B 44 -5.89 0.00 -22.04
C VAL B 44 -6.65 1.26 -22.56
N ILE B 45 -7.98 1.16 -22.65
CA ILE B 45 -8.83 2.25 -23.13
C ILE B 45 -9.33 3.14 -21.97
N ARG B 46 -9.80 2.51 -20.90
CA ARG B 46 -10.43 3.18 -19.77
C ARG B 46 -10.26 2.31 -18.53
N ILE B 47 -10.09 2.95 -17.37
CA ILE B 47 -10.09 2.28 -16.07
C ILE B 47 -11.12 3.04 -15.22
N GLN B 48 -12.14 2.32 -14.73
CA GLN B 48 -13.21 2.91 -13.93
C GLN B 48 -13.32 2.25 -12.57
N LYS B 49 -13.49 3.06 -11.51
CA LYS B 49 -13.68 2.57 -10.15
C LYS B 49 -15.18 2.36 -9.94
N VAL B 50 -15.55 1.18 -9.45
CA VAL B 50 -16.96 0.76 -9.23
C VAL B 50 -17.40 1.11 -7.84
N VAL B 51 -18.47 1.92 -7.72
CA VAL B 51 -19.03 2.39 -6.46
C VAL B 51 -20.47 1.94 -6.34
N ASN B 52 -20.72 1.03 -5.38
CA ASN B 52 -22.05 0.55 -5.10
C ASN B 52 -22.16 0.34 -3.58
N LYS B 53 -22.98 1.17 -2.91
CA LYS B 53 -23.20 1.18 -1.46
C LYS B 53 -23.59 -0.19 -0.85
N LYS B 54 -24.63 -0.85 -1.38
CA LYS B 54 -25.11 -2.16 -0.88
C LYS B 54 -24.04 -3.25 -1.09
N LEU B 55 -23.40 -3.28 -2.29
CA LEU B 55 -22.30 -4.22 -2.59
C LEU B 55 -21.13 -4.07 -1.60
N ARG B 56 -20.71 -2.84 -1.30
CA ARG B 56 -19.61 -2.56 -0.37
C ARG B 56 -19.97 -3.01 1.07
N GLU B 57 -21.25 -2.78 1.50
CA GLU B 57 -21.76 -3.23 2.81
C GLU B 57 -21.67 -4.75 2.96
N ARG B 58 -22.16 -5.52 1.97
CA ARG B 58 -22.10 -6.99 2.02
C ARG B 58 -20.65 -7.46 2.10
N PHE B 59 -19.76 -6.86 1.28
CA PHE B 59 -18.33 -7.16 1.26
C PHE B 59 -17.65 -6.88 2.60
N CYS B 60 -17.85 -5.70 3.16
CA CYS B 60 -17.21 -5.29 4.43
C CYS B 60 -17.68 -6.16 5.59
N HIS B 61 -18.99 -6.48 5.64
CA HIS B 61 -19.59 -7.34 6.65
C HIS B 61 -18.95 -8.74 6.60
N ARG B 62 -18.80 -9.33 5.39
CA ARG B 62 -18.19 -10.65 5.24
C ARG B 62 -16.71 -10.64 5.63
N GLN B 63 -15.97 -9.61 5.20
CA GLN B 63 -14.55 -9.48 5.52
C GLN B 63 -14.29 -9.48 7.06
N LYS B 64 -15.14 -8.78 7.84
CA LYS B 64 -15.07 -8.73 9.29
C LYS B 64 -15.25 -10.12 9.89
N GLU B 65 -16.24 -10.92 9.36
CA GLU B 65 -16.52 -12.29 9.82
C GLU B 65 -15.31 -13.19 9.55
N VAL B 66 -14.69 -13.09 8.35
CA VAL B 66 -13.53 -13.91 7.96
C VAL B 66 -12.29 -13.59 8.85
N SER B 67 -12.03 -12.32 9.08
CA SER B 67 -10.94 -11.83 9.92
C SER B 67 -11.08 -12.39 11.35
N GLU B 68 -12.31 -12.38 11.92
CA GLU B 68 -12.60 -12.91 13.24
C GLU B 68 -12.34 -14.43 13.33
N GLU B 69 -12.69 -15.17 12.26
CA GLU B 69 -12.51 -16.61 12.17
C GLU B 69 -11.04 -16.99 11.90
N ASN B 70 -10.25 -16.09 11.29
CA ASN B 70 -8.87 -16.39 10.90
C ASN B 70 -7.80 -15.58 11.64
N HIS B 71 -7.90 -15.53 12.99
CA HIS B 71 -6.94 -14.84 13.88
C HIS B 71 -6.54 -13.42 13.41
N ASN B 72 -7.55 -12.65 12.96
CA ASN B 72 -7.47 -11.26 12.47
C ASN B 72 -6.76 -11.14 11.08
N HIS B 73 -6.73 -12.22 10.29
CA HIS B 73 -6.15 -12.19 8.94
C HIS B 73 -7.21 -12.44 7.88
N HIS B 74 -7.77 -11.37 7.28
CA HIS B 74 -8.76 -11.56 6.21
C HIS B 74 -8.09 -11.96 4.90
N ASN B 75 -6.74 -11.74 4.79
CA ASN B 75 -5.88 -12.08 3.64
C ASN B 75 -6.50 -11.66 2.27
N GLU B 76 -6.82 -10.37 2.14
CA GLU B 76 -7.38 -9.82 0.93
C GLU B 76 -6.31 -9.77 -0.17
N ARG B 77 -6.70 -10.09 -1.39
CA ARG B 77 -5.86 -10.04 -2.58
C ARG B 77 -6.60 -9.38 -3.71
N MET B 78 -5.87 -8.67 -4.57
CA MET B 78 -6.40 -8.04 -5.77
C MET B 78 -6.21 -9.12 -6.87
N LEU B 79 -7.34 -9.57 -7.44
CA LEU B 79 -7.37 -10.65 -8.46
C LEU B 79 -8.24 -10.32 -9.65
N PHE B 80 -7.88 -10.88 -10.81
CA PHE B 80 -8.63 -10.61 -12.02
C PHE B 80 -9.82 -11.55 -12.19
N HIS B 81 -10.87 -11.05 -12.84
CA HIS B 81 -12.04 -11.86 -13.19
C HIS B 81 -12.55 -11.42 -14.57
N GLY B 82 -12.69 -12.37 -15.49
CA GLY B 82 -13.26 -12.15 -16.82
C GLY B 82 -14.56 -12.93 -16.96
N SER B 83 -15.61 -12.28 -17.46
CA SER B 83 -16.94 -12.86 -17.66
C SER B 83 -17.81 -12.04 -18.63
N PRO B 84 -18.72 -12.70 -19.40
CA PRO B 84 -19.65 -11.93 -20.25
C PRO B 84 -20.79 -11.26 -19.44
N PHE B 85 -20.80 -11.48 -18.11
CA PHE B 85 -21.83 -10.97 -17.23
C PHE B 85 -21.34 -9.82 -16.28
N ILE B 86 -20.35 -9.02 -16.73
CA ILE B 86 -19.77 -7.82 -16.09
C ILE B 86 -20.89 -6.88 -15.61
N ASN B 87 -21.92 -6.65 -16.46
CA ASN B 87 -23.03 -5.77 -16.14
C ASN B 87 -23.84 -6.22 -14.93
N ALA B 88 -24.11 -7.54 -14.83
CA ALA B 88 -24.83 -8.08 -13.68
C ALA B 88 -23.94 -8.03 -12.42
N ILE B 89 -22.62 -8.29 -12.57
CA ILE B 89 -21.67 -8.27 -11.42
C ILE B 89 -21.54 -6.89 -10.78
N ILE B 90 -21.35 -5.83 -11.60
CA ILE B 90 -21.18 -4.47 -11.06
C ILE B 90 -22.49 -3.90 -10.44
N HIS B 91 -23.67 -4.47 -10.75
CA HIS B 91 -24.96 -4.00 -10.22
C HIS B 91 -25.51 -4.86 -9.09
N LYS B 92 -25.37 -6.18 -9.19
CA LYS B 92 -25.92 -7.12 -8.21
C LYS B 92 -24.85 -7.82 -7.38
N GLY B 93 -23.57 -7.72 -7.80
CA GLY B 93 -22.42 -8.36 -7.17
C GLY B 93 -22.21 -9.79 -7.66
N PHE B 94 -21.13 -10.41 -7.17
CA PHE B 94 -20.80 -11.82 -7.48
C PHE B 94 -21.82 -12.70 -6.77
N ASP B 95 -22.31 -13.75 -7.46
CA ASP B 95 -23.29 -14.65 -6.91
C ASP B 95 -22.88 -16.10 -7.18
N GLU B 96 -22.58 -16.87 -6.08
CA GLU B 96 -22.12 -18.27 -6.17
C GLU B 96 -23.16 -19.22 -6.79
N ARG B 97 -24.45 -18.78 -6.84
CA ARG B 97 -25.55 -19.53 -7.41
C ARG B 97 -25.40 -19.74 -8.92
N HIS B 98 -24.60 -18.89 -9.59
CA HIS B 98 -24.30 -18.96 -11.03
C HIS B 98 -23.07 -19.82 -11.34
N ALA B 99 -22.34 -20.29 -10.31
CA ALA B 99 -21.16 -21.14 -10.49
C ALA B 99 -21.54 -22.58 -10.78
N ALA B 107 -18.26 -26.18 -8.02
CA ALA B 107 -18.83 -24.86 -7.79
C ALA B 107 -17.74 -23.82 -7.52
N GLY B 108 -18.13 -22.64 -7.03
CA GLY B 108 -17.17 -21.59 -6.75
C GLY B 108 -17.03 -20.50 -7.80
N ILE B 109 -16.61 -19.33 -7.34
CA ILE B 109 -16.34 -18.15 -8.17
C ILE B 109 -14.82 -18.14 -8.31
N TYR B 110 -14.34 -18.10 -9.56
CA TYR B 110 -12.93 -18.19 -9.94
C TYR B 110 -12.30 -16.86 -10.30
N PHE B 111 -11.06 -16.67 -9.82
CA PHE B 111 -10.25 -15.49 -10.06
C PHE B 111 -8.86 -15.96 -10.43
N ALA B 112 -8.13 -15.08 -11.13
CA ALA B 112 -6.77 -15.35 -11.60
C ALA B 112 -5.79 -14.25 -11.14
N GLU B 113 -4.54 -14.62 -10.90
CA GLU B 113 -3.51 -13.63 -10.60
C GLU B 113 -2.89 -13.13 -11.93
N ASN B 114 -3.22 -13.79 -13.06
CA ASN B 114 -2.74 -13.47 -14.40
C ASN B 114 -3.89 -12.96 -15.24
N SER B 115 -3.81 -11.69 -15.62
CA SER B 115 -4.82 -11.01 -16.41
C SER B 115 -5.08 -11.77 -17.71
N SER B 116 -4.00 -12.38 -18.29
CA SER B 116 -4.08 -13.18 -19.52
C SER B 116 -4.95 -14.45 -19.36
N LYS B 117 -5.06 -15.01 -18.12
CA LYS B 117 -5.92 -16.15 -17.84
C LYS B 117 -7.39 -15.69 -17.86
N SER B 118 -7.70 -14.56 -17.18
CA SER B 118 -9.05 -13.98 -17.13
C SER B 118 -9.54 -13.53 -18.51
N ASN B 119 -8.64 -13.05 -19.38
CA ASN B 119 -8.96 -12.68 -20.77
C ASN B 119 -9.54 -13.86 -21.59
N GLN B 120 -9.20 -15.11 -21.21
CA GLN B 120 -9.71 -16.33 -21.87
C GLN B 120 -11.23 -16.55 -21.59
N TYR B 121 -11.82 -15.81 -20.62
CA TYR B 121 -13.20 -15.96 -20.15
C TYR B 121 -14.13 -14.79 -20.42
N VAL B 122 -13.56 -13.70 -20.89
CA VAL B 122 -14.28 -12.46 -21.18
C VAL B 122 -15.49 -12.69 -22.15
N TYR B 123 -15.31 -13.55 -23.18
CA TYR B 123 -16.37 -13.85 -24.15
C TYR B 123 -17.15 -15.15 -23.85
N GLY B 124 -16.78 -15.81 -22.78
CA GLY B 124 -17.40 -17.08 -22.37
C GLY B 124 -16.33 -18.12 -22.10
N ILE B 125 -16.77 -19.33 -21.70
CA ILE B 125 -15.91 -20.48 -21.43
C ILE B 125 -15.21 -20.88 -22.74
N GLY B 126 -13.89 -20.95 -22.70
CA GLY B 126 -13.07 -21.25 -23.87
C GLY B 126 -13.08 -20.13 -24.88
N GLY B 127 -13.47 -18.94 -24.42
CA GLY B 127 -13.61 -17.73 -25.23
C GLY B 127 -14.91 -17.64 -26.01
N GLY B 128 -15.85 -18.56 -25.76
CA GLY B 128 -17.15 -18.62 -26.45
C GLY B 128 -17.00 -18.58 -27.95
N THR B 129 -17.72 -17.66 -28.60
CA THR B 129 -17.64 -17.47 -30.04
C THR B 129 -16.89 -16.16 -30.38
N GLY B 130 -16.10 -15.68 -29.43
CA GLY B 130 -15.38 -14.43 -29.60
C GLY B 130 -16.28 -13.20 -29.55
N CYS B 131 -15.80 -12.08 -30.09
CA CYS B 131 -16.54 -10.82 -30.09
C CYS B 131 -17.91 -10.91 -30.79
N PRO B 132 -18.93 -10.15 -30.33
CA PRO B 132 -20.25 -10.20 -30.97
C PRO B 132 -20.28 -9.81 -32.46
N THR B 133 -19.51 -8.79 -32.84
CA THR B 133 -19.49 -8.27 -34.21
C THR B 133 -18.79 -9.18 -35.23
N HIS B 134 -17.60 -9.70 -34.89
CA HIS B 134 -16.83 -10.45 -35.88
C HIS B 134 -16.74 -11.93 -35.58
N LYS B 135 -17.26 -12.37 -34.41
CA LYS B 135 -17.18 -13.79 -33.98
C LYS B 135 -15.70 -14.24 -34.04
N ASP B 136 -14.81 -13.49 -33.36
CA ASP B 136 -13.37 -13.71 -33.38
C ASP B 136 -12.82 -13.67 -31.97
N ARG B 137 -12.25 -14.81 -31.51
CA ARG B 137 -11.71 -14.95 -30.17
C ARG B 137 -10.40 -14.17 -30.03
N SER B 138 -9.72 -13.87 -31.16
CA SER B 138 -8.49 -13.08 -31.20
C SER B 138 -8.70 -11.68 -31.78
N CYS B 139 -9.96 -11.14 -31.73
CA CYS B 139 -10.27 -9.81 -32.26
C CYS B 139 -9.38 -8.74 -31.64
N TYR B 140 -8.69 -7.93 -32.47
CA TYR B 140 -7.83 -6.84 -32.01
C TYR B 140 -8.54 -5.48 -32.08
N ILE B 141 -9.81 -5.49 -32.53
CA ILE B 141 -10.61 -4.29 -32.70
C ILE B 141 -11.55 -4.03 -31.53
N CYS B 142 -12.41 -5.01 -31.25
CA CYS B 142 -13.46 -4.88 -30.25
C CYS B 142 -12.93 -4.70 -28.82
N HIS B 143 -13.59 -3.78 -28.11
CA HIS B 143 -13.26 -3.37 -26.76
C HIS B 143 -13.79 -4.43 -25.79
N ARG B 144 -12.87 -5.03 -25.04
CA ARG B 144 -13.17 -6.06 -24.05
C ARG B 144 -13.18 -5.40 -22.69
N GLN B 145 -13.72 -6.08 -21.70
CA GLN B 145 -13.79 -5.61 -20.32
C GLN B 145 -13.46 -6.74 -19.39
N MET B 146 -12.73 -6.44 -18.31
CA MET B 146 -12.46 -7.40 -17.24
C MET B 146 -12.46 -6.67 -15.91
N LEU B 147 -12.56 -7.41 -14.82
CA LEU B 147 -12.54 -6.81 -13.49
C LEU B 147 -11.24 -7.08 -12.75
N PHE B 148 -10.81 -6.11 -11.96
CA PHE B 148 -9.68 -6.24 -11.03
C PHE B 148 -10.37 -6.04 -9.65
N CYS B 149 -10.54 -7.15 -8.92
CA CYS B 149 -11.33 -7.26 -7.71
C CYS B 149 -10.56 -7.39 -6.41
N ARG B 150 -11.21 -6.94 -5.30
CA ARG B 150 -10.71 -7.19 -3.95
C ARG B 150 -11.33 -8.54 -3.60
N VAL B 151 -10.52 -9.51 -3.21
CA VAL B 151 -11.00 -10.86 -2.87
C VAL B 151 -10.53 -11.22 -1.45
N THR B 152 -11.49 -11.54 -0.54
CA THR B 152 -11.20 -11.94 0.84
C THR B 152 -10.92 -13.46 0.79
N LEU B 153 -9.65 -13.86 0.97
CA LEU B 153 -9.26 -15.25 0.90
C LEU B 153 -9.28 -15.98 2.24
N GLY B 154 -9.08 -15.25 3.34
CA GLY B 154 -9.00 -15.83 4.67
C GLY B 154 -7.96 -16.93 4.71
N LYS B 155 -8.29 -18.10 5.28
CA LYS B 155 -7.36 -19.23 5.27
C LYS B 155 -7.60 -20.03 3.99
N SER B 156 -6.60 -20.08 3.11
CA SER B 156 -6.68 -20.78 1.82
C SER B 156 -6.23 -22.22 1.91
N PHE B 157 -6.95 -23.10 1.23
CA PHE B 157 -6.62 -24.52 1.18
C PHE B 157 -5.90 -24.77 -0.11
N LEU B 158 -4.70 -25.37 -0.03
CA LEU B 158 -3.91 -25.70 -1.22
C LEU B 158 -4.23 -27.11 -1.74
N GLN B 159 -4.87 -27.15 -2.92
CA GLN B 159 -5.36 -28.33 -3.64
C GLN B 159 -4.56 -28.56 -4.92
N PHE B 160 -3.89 -29.70 -5.01
CA PHE B 160 -3.11 -30.06 -6.20
C PHE B 160 -3.95 -30.82 -7.25
N SER B 161 -4.78 -31.78 -6.80
CA SER B 161 -5.62 -32.66 -7.63
C SER B 161 -6.89 -32.01 -8.22
N THR B 162 -7.50 -32.70 -9.23
CA THR B 162 -8.73 -32.29 -9.94
C THR B 162 -10.04 -32.60 -9.17
N ILE B 163 -9.94 -32.88 -7.85
CA ILE B 163 -11.09 -33.14 -6.96
C ILE B 163 -11.92 -31.85 -6.89
N LYS B 164 -13.16 -31.90 -7.42
CA LYS B 164 -14.04 -30.73 -7.43
C LYS B 164 -14.75 -30.52 -6.10
N MET B 165 -14.60 -29.32 -5.54
CA MET B 165 -15.15 -28.93 -4.25
C MET B 165 -16.42 -28.10 -4.40
N ALA B 166 -17.34 -28.26 -3.46
CA ALA B 166 -18.61 -27.52 -3.42
C ALA B 166 -18.50 -26.37 -2.43
N HIS B 167 -17.54 -26.48 -1.52
CA HIS B 167 -17.28 -25.51 -0.45
C HIS B 167 -15.83 -25.62 -0.06
N ALA B 168 -15.33 -24.63 0.67
CA ALA B 168 -13.98 -24.67 1.20
C ALA B 168 -13.93 -25.72 2.34
N PRO B 169 -12.79 -26.41 2.55
CA PRO B 169 -12.71 -27.42 3.62
C PRO B 169 -12.89 -26.78 5.00
N PRO B 170 -13.24 -27.56 6.06
CA PRO B 170 -13.39 -26.98 7.40
C PRO B 170 -12.21 -26.10 7.84
N GLY B 171 -12.53 -24.95 8.44
CA GLY B 171 -11.56 -23.97 8.93
C GLY B 171 -10.99 -23.06 7.86
N HIS B 172 -11.31 -23.30 6.56
CA HIS B 172 -10.80 -22.51 5.42
C HIS B 172 -11.88 -21.61 4.79
N HIS B 173 -11.48 -20.59 4.01
CA HIS B 173 -12.39 -19.60 3.40
C HIS B 173 -12.27 -19.50 1.90
N SER B 174 -11.26 -20.17 1.32
CA SER B 174 -10.99 -20.20 -0.09
C SER B 174 -10.16 -21.42 -0.46
N VAL B 175 -10.06 -21.71 -1.76
CA VAL B 175 -9.27 -22.82 -2.28
C VAL B 175 -8.31 -22.30 -3.35
N ILE B 176 -7.00 -22.66 -3.22
CA ILE B 176 -6.00 -22.37 -4.25
C ILE B 176 -5.73 -23.69 -5.00
N GLY B 177 -6.18 -23.74 -6.24
CA GLY B 177 -6.02 -24.92 -7.08
C GLY B 177 -4.88 -24.77 -8.06
N ARG B 178 -3.98 -25.76 -8.07
CA ARG B 178 -2.89 -25.77 -9.03
C ARG B 178 -3.06 -27.01 -9.93
N PRO B 179 -3.74 -26.87 -11.09
CA PRO B 179 -3.95 -28.05 -11.95
C PRO B 179 -2.72 -28.39 -12.79
N ALA B 185 -2.03 -25.78 -14.76
CA ALA B 185 -0.78 -25.07 -15.03
C ALA B 185 -0.61 -23.80 -14.14
N TYR B 186 -1.54 -22.85 -14.22
CA TYR B 186 -1.50 -21.61 -13.44
C TYR B 186 -2.43 -21.66 -12.23
N ALA B 187 -2.11 -20.86 -11.20
CA ALA B 187 -2.88 -20.76 -9.96
C ALA B 187 -4.27 -20.17 -10.21
N GLU B 188 -5.29 -20.87 -9.72
CA GLU B 188 -6.71 -20.50 -9.77
C GLU B 188 -7.10 -20.26 -8.33
N TYR B 189 -7.86 -19.18 -8.08
CA TYR B 189 -8.33 -18.79 -6.76
C TYR B 189 -9.82 -18.95 -6.74
N VAL B 190 -10.34 -19.67 -5.73
CA VAL B 190 -11.78 -19.98 -5.67
C VAL B 190 -12.39 -19.58 -4.32
N ILE B 191 -13.58 -18.95 -4.39
CA ILE B 191 -14.40 -18.55 -3.25
C ILE B 191 -15.80 -19.15 -3.43
N TYR B 192 -16.50 -19.39 -2.32
CA TYR B 192 -17.80 -20.05 -2.40
C TYR B 192 -18.95 -19.17 -1.90
N ARG B 193 -18.65 -17.88 -1.68
CA ARG B 193 -19.61 -16.86 -1.28
C ARG B 193 -19.30 -15.61 -2.07
N GLY B 194 -20.31 -15.12 -2.76
CA GLY B 194 -20.18 -13.89 -3.57
C GLY B 194 -19.74 -12.65 -2.84
N GLU B 195 -20.04 -12.56 -1.53
CA GLU B 195 -19.69 -11.44 -0.61
C GLU B 195 -18.20 -11.37 -0.31
N GLN B 196 -17.44 -12.40 -0.70
CA GLN B 196 -16.01 -12.47 -0.50
C GLN B 196 -15.26 -11.82 -1.66
N ALA B 197 -15.98 -11.14 -2.59
CA ALA B 197 -15.33 -10.37 -3.68
C ALA B 197 -16.05 -9.05 -3.96
N TYR B 198 -15.28 -7.99 -4.20
CA TYR B 198 -15.83 -6.70 -4.55
C TYR B 198 -15.25 -6.31 -5.91
N PRO B 199 -16.08 -6.00 -6.94
CA PRO B 199 -15.52 -5.67 -8.27
C PRO B 199 -14.98 -4.24 -8.31
N GLU B 200 -13.81 -4.00 -7.73
CA GLU B 200 -13.21 -2.67 -7.52
C GLU B 200 -13.00 -1.82 -8.80
N TYR B 201 -12.35 -2.42 -9.83
CA TYR B 201 -12.03 -1.74 -11.07
C TYR B 201 -12.61 -2.43 -12.29
N LEU B 202 -13.18 -1.64 -13.20
CA LEU B 202 -13.70 -2.11 -14.48
C LEU B 202 -12.70 -1.63 -15.54
N ILE B 203 -11.98 -2.56 -16.18
CA ILE B 203 -10.96 -2.25 -17.19
C ILE B 203 -11.50 -2.46 -18.60
N THR B 204 -11.45 -1.41 -19.48
CA THR B 204 -11.82 -1.51 -20.88
C THR B 204 -10.51 -1.56 -21.69
N TYR B 205 -10.37 -2.55 -22.58
CA TYR B 205 -9.10 -2.75 -23.27
C TYR B 205 -9.24 -3.50 -24.58
N GLN B 206 -8.13 -3.58 -25.30
CA GLN B 206 -7.99 -4.39 -26.52
C GLN B 206 -6.73 -5.22 -26.33
N ILE B 207 -6.71 -6.41 -26.89
CA ILE B 207 -5.46 -7.18 -26.93
C ILE B 207 -4.70 -6.60 -28.13
N MET B 208 -3.36 -6.53 -28.04
CA MET B 208 -2.56 -5.94 -29.14
C MET B 208 -1.95 -7.01 -30.04
N LYS B 209 -1.95 -6.74 -31.35
CA LYS B 209 -1.39 -7.65 -32.33
C LYS B 209 0.16 -7.57 -32.25
N PRO B 210 0.88 -8.67 -31.90
CA PRO B 210 2.36 -8.59 -31.81
C PRO B 210 3.02 -8.08 -33.09
N GLU B 211 4.01 -7.17 -32.97
CA GLU B 211 4.69 -6.53 -34.12
C GLU B 211 5.45 -7.53 -35.00
N ALA C 1 -27.14 16.60 -9.06
CA ALA C 1 -26.57 15.36 -9.59
C ALA C 1 -26.70 14.23 -8.54
N GLY C 2 -26.77 12.97 -9.01
CA GLY C 2 -26.93 11.76 -8.19
C GLY C 2 -25.76 11.51 -7.24
N THR C 3 -26.00 11.68 -5.93
CA THR C 3 -24.99 11.52 -4.86
C THR C 3 -25.18 10.21 -4.09
N ILE C 4 -24.08 9.51 -3.81
CA ILE C 4 -24.06 8.30 -2.99
C ILE C 4 -23.26 8.68 -1.73
N LEU C 5 -23.78 8.32 -0.55
CA LEU C 5 -23.11 8.53 0.72
C LEU C 5 -22.66 7.15 1.21
N LEU C 6 -21.35 6.95 1.39
CA LEU C 6 -20.80 5.68 1.86
C LEU C 6 -20.42 5.79 3.30
N ASP C 7 -21.05 4.99 4.16
CA ASP C 7 -20.77 5.02 5.60
C ASP C 7 -19.41 4.38 5.92
N LEU C 8 -18.59 5.08 6.71
CA LEU C 8 -17.30 4.58 7.17
C LEU C 8 -17.52 3.93 8.55
N ALA C 9 -16.85 2.78 8.79
CA ALA C 9 -16.95 2.04 10.06
C ALA C 9 -16.01 2.65 11.12
N PRO C 10 -16.46 2.79 12.40
CA PRO C 10 -15.57 3.37 13.43
C PRO C 10 -14.20 2.67 13.64
N GLU C 11 -14.10 1.40 13.24
CA GLU C 11 -12.88 0.58 13.31
C GLU C 11 -11.91 0.84 12.14
N ASP C 12 -12.40 1.49 11.04
CA ASP C 12 -11.59 1.84 9.87
C ASP C 12 -10.66 2.99 10.20
N LYS C 13 -9.38 2.89 9.77
CA LYS C 13 -8.33 3.90 9.94
C LYS C 13 -8.72 5.26 9.31
N GLU C 14 -9.51 5.25 8.23
CA GLU C 14 -9.99 6.43 7.52
C GLU C 14 -10.97 7.24 8.38
N TYR C 15 -11.93 6.56 9.03
CA TYR C 15 -12.90 7.16 9.93
C TYR C 15 -12.17 7.81 11.11
N GLN C 16 -11.18 7.09 11.68
CA GLN C 16 -10.36 7.49 12.81
C GLN C 16 -9.48 8.69 12.51
N SER C 17 -8.93 8.78 11.29
CA SER C 17 -8.09 9.89 10.83
C SER C 17 -8.92 11.18 10.74
N VAL C 18 -10.17 11.07 10.22
CA VAL C 18 -11.10 12.19 10.08
C VAL C 18 -11.54 12.69 11.45
N GLU C 19 -11.97 11.77 12.36
CA GLU C 19 -12.38 12.09 13.73
C GLU C 19 -11.23 12.76 14.50
N GLU C 20 -10.01 12.21 14.40
CA GLU C 20 -8.84 12.74 15.06
C GLU C 20 -8.51 14.17 14.59
N GLU C 21 -8.67 14.44 13.28
CA GLU C 21 -8.46 15.79 12.73
C GLU C 21 -9.47 16.78 13.29
N MET C 22 -10.75 16.37 13.37
CA MET C 22 -11.87 17.13 13.90
C MET C 22 -11.68 17.43 15.38
N GLN C 23 -11.40 16.41 16.21
CA GLN C 23 -11.23 16.55 17.67
C GLN C 23 -9.99 17.39 18.04
N SER C 24 -8.85 17.12 17.41
CA SER C 24 -7.59 17.79 17.71
C SER C 24 -7.53 19.27 17.27
N THR C 25 -8.44 19.71 16.38
CA THR C 25 -8.41 21.09 15.88
C THR C 25 -9.40 22.01 16.59
N ILE C 26 -10.04 21.53 17.68
CA ILE C 26 -10.92 22.37 18.51
C ILE C 26 -10.07 23.41 19.23
N ARG C 27 -10.52 24.67 19.19
CA ARG C 27 -9.89 25.79 19.84
C ARG C 27 -10.92 26.54 20.68
N GLU C 28 -10.42 27.39 21.59
CA GLU C 28 -11.22 28.31 22.41
C GLU C 28 -11.43 29.56 21.56
N HIS C 29 -12.64 30.05 21.47
CA HIS C 29 -12.94 31.20 20.63
C HIS C 29 -13.19 32.45 21.44
N ARG C 30 -12.91 33.63 20.85
CA ARG C 30 -13.08 34.91 21.52
C ARG C 30 -14.52 35.19 22.02
N ASP C 31 -15.54 34.64 21.35
CA ASP C 31 -16.94 34.83 21.77
C ASP C 31 -17.41 33.96 23.00
N GLY C 32 -16.53 33.15 23.58
CA GLY C 32 -16.83 32.31 24.72
C GLY C 32 -17.91 31.28 24.48
N GLY C 33 -18.04 30.88 23.22
CA GLY C 33 -19.02 29.90 22.79
C GLY C 33 -20.36 30.44 22.35
N ASN C 34 -20.53 31.76 22.20
CA ASN C 34 -21.79 32.37 21.80
C ASN C 34 -22.33 31.86 20.44
N ALA C 35 -21.50 31.84 19.40
CA ALA C 35 -21.93 31.36 18.10
C ALA C 35 -22.09 29.80 17.97
N GLY C 36 -21.11 29.02 18.41
CA GLY C 36 -21.14 27.56 18.24
C GLY C 36 -21.42 26.69 19.46
N GLY C 37 -21.43 27.28 20.65
CA GLY C 37 -21.66 26.57 21.90
C GLY C 37 -20.42 26.35 22.74
N ILE C 38 -20.59 25.82 23.97
CA ILE C 38 -19.53 25.57 24.93
C ILE C 38 -19.25 24.07 24.98
N PHE C 39 -18.04 23.67 24.59
CA PHE C 39 -17.61 22.28 24.50
C PHE C 39 -16.09 22.18 24.37
N ASN C 40 -15.51 21.02 24.73
CA ASN C 40 -14.09 20.75 24.52
C ASN C 40 -13.90 19.50 23.64
N ARG C 41 -15.01 18.83 23.28
CA ARG C 41 -15.05 17.59 22.50
C ARG C 41 -16.36 17.47 21.73
N TYR C 42 -16.35 16.70 20.66
CA TYR C 42 -17.57 16.37 19.91
C TYR C 42 -17.95 14.91 20.20
N ASN C 43 -19.19 14.58 19.89
CA ASN C 43 -19.62 13.20 19.86
C ASN C 43 -19.87 12.90 18.38
N VAL C 44 -18.97 12.15 17.71
CA VAL C 44 -19.15 11.82 16.28
C VAL C 44 -20.21 10.71 16.14
N ILE C 45 -21.27 10.96 15.37
CA ILE C 45 -22.36 9.99 15.16
C ILE C 45 -22.11 9.13 13.94
N ARG C 46 -21.71 9.77 12.82
CA ARG C 46 -21.54 9.13 11.54
C ARG C 46 -20.51 9.90 10.73
N ILE C 47 -19.71 9.18 9.94
CA ILE C 47 -18.78 9.74 8.97
C ILE C 47 -19.11 9.07 7.63
N GLN C 48 -19.47 9.88 6.63
CA GLN C 48 -19.86 9.38 5.32
C GLN C 48 -18.98 10.00 4.25
N LYS C 49 -18.54 9.17 3.28
CA LYS C 49 -17.76 9.61 2.13
C LYS C 49 -18.76 9.98 1.02
N VAL C 50 -18.62 11.18 0.46
CA VAL C 50 -19.51 11.74 -0.57
C VAL C 50 -18.99 11.37 -1.96
N VAL C 51 -19.85 10.72 -2.75
CA VAL C 51 -19.54 10.27 -4.11
C VAL C 51 -20.54 10.90 -5.11
N ASN C 52 -20.05 11.72 -5.99
CA ASN C 52 -20.87 12.32 -7.03
C ASN C 52 -19.95 12.49 -8.24
N LYS C 53 -20.23 11.73 -9.31
CA LYS C 53 -19.47 11.67 -10.56
C LYS C 53 -19.22 13.04 -11.22
N LYS C 54 -20.30 13.84 -11.43
CA LYS C 54 -20.22 15.17 -12.05
C LYS C 54 -19.39 16.14 -11.21
N LEU C 55 -19.60 16.12 -9.89
CA LEU C 55 -18.85 16.97 -8.96
C LEU C 55 -17.36 16.70 -8.99
N ARG C 56 -16.97 15.41 -8.99
CA ARG C 56 -15.60 14.94 -9.03
C ARG C 56 -14.93 15.36 -10.34
N GLU C 57 -15.67 15.28 -11.50
CA GLU C 57 -15.20 15.70 -12.81
C GLU C 57 -14.86 17.18 -12.83
N ARG C 58 -15.78 18.06 -12.33
CA ARG C 58 -15.53 19.52 -12.27
C ARG C 58 -14.28 19.81 -11.39
N PHE C 59 -14.18 19.14 -10.25
CA PHE C 59 -13.05 19.28 -9.30
C PHE C 59 -11.73 18.85 -9.94
N CYS C 60 -11.67 17.67 -10.55
CA CYS C 60 -10.45 17.14 -11.17
C CYS C 60 -10.00 17.99 -12.36
N HIS C 61 -10.97 18.46 -13.19
CA HIS C 61 -10.70 19.34 -14.32
C HIS C 61 -10.04 20.65 -13.85
N ARG C 62 -10.59 21.27 -12.78
CA ARG C 62 -10.04 22.51 -12.23
C ARG C 62 -8.66 22.29 -11.63
N GLN C 63 -8.47 21.19 -10.87
CA GLN C 63 -7.19 20.82 -10.26
C GLN C 63 -6.06 20.71 -11.29
N LYS C 64 -6.32 20.12 -12.47
CA LYS C 64 -5.38 20.00 -13.58
C LYS C 64 -4.97 21.37 -14.10
N GLU C 65 -5.96 22.31 -14.27
CA GLU C 65 -5.72 23.69 -14.72
C GLU C 65 -4.83 24.43 -13.73
N VAL C 66 -5.12 24.30 -12.41
CA VAL C 66 -4.36 24.97 -11.35
C VAL C 66 -2.89 24.45 -11.27
N SER C 67 -2.71 23.13 -11.36
CA SER C 67 -1.41 22.47 -11.35
C SER C 67 -0.56 22.98 -12.53
N GLU C 68 -1.15 23.12 -13.73
CA GLU C 68 -0.47 23.61 -14.93
C GLU C 68 -0.01 25.08 -14.76
N GLU C 69 -0.84 25.91 -14.11
CA GLU C 69 -0.57 27.32 -13.85
C GLU C 69 0.42 27.51 -12.70
N ASN C 70 0.56 26.52 -11.79
CA ASN C 70 1.42 26.64 -10.62
C ASN C 70 2.59 25.64 -10.57
N HIS C 71 3.35 25.53 -11.68
CA HIS C 71 4.55 24.70 -11.82
C HIS C 71 4.37 23.26 -11.30
N ASN C 72 3.22 22.65 -11.60
CA ASN C 72 2.78 21.29 -11.26
C ASN C 72 2.46 21.11 -9.75
N HIS C 73 2.13 22.22 -9.04
CA HIS C 73 1.75 22.17 -7.62
C HIS C 73 0.30 22.64 -7.43
N HIS C 74 -0.65 21.70 -7.35
CA HIS C 74 -2.04 22.09 -7.13
C HIS C 74 -2.30 22.49 -5.66
N ASN C 75 -1.37 22.09 -4.74
CA ASN C 75 -1.36 22.41 -3.29
C ASN C 75 -2.74 22.14 -2.62
N GLU C 76 -3.18 20.90 -2.72
CA GLU C 76 -4.45 20.49 -2.14
C GLU C 76 -4.32 20.36 -0.60
N ARG C 77 -5.33 20.82 0.13
CA ARG C 77 -5.43 20.70 1.59
C ARG C 77 -6.79 20.20 2.00
N MET C 78 -6.86 19.45 3.09
CA MET C 78 -8.10 18.97 3.72
C MET C 78 -8.48 20.04 4.74
N LEU C 79 -9.64 20.65 4.56
CA LEU C 79 -10.11 21.76 5.41
C LEU C 79 -11.58 21.61 5.74
N PHE C 80 -12.04 22.22 6.85
CA PHE C 80 -13.44 22.14 7.32
C PHE C 80 -14.32 23.23 6.75
N HIS C 81 -15.62 22.93 6.59
CA HIS C 81 -16.63 23.87 6.13
C HIS C 81 -17.95 23.58 6.85
N GLY C 82 -18.48 24.59 7.54
CA GLY C 82 -19.76 24.57 8.25
C GLY C 82 -20.70 25.54 7.57
N SER C 83 -21.96 25.12 7.31
CA SER C 83 -22.98 25.92 6.62
C SER C 83 -24.39 25.30 6.77
N PRO C 84 -25.51 26.10 6.83
CA PRO C 84 -26.84 25.46 6.89
C PRO C 84 -27.26 24.87 5.53
N PHE C 85 -26.43 25.02 4.49
CA PHE C 85 -26.74 24.57 3.12
C PHE C 85 -25.92 23.35 2.64
N ILE C 86 -25.56 22.51 3.62
CA ILE C 86 -24.84 21.23 3.50
C ILE C 86 -25.47 20.32 2.41
N ASN C 87 -26.82 20.25 2.35
CA ASN C 87 -27.57 19.42 1.40
C ASN C 87 -27.41 19.87 -0.05
N ALA C 88 -27.42 21.19 -0.28
CA ALA C 88 -27.19 21.75 -1.61
C ALA C 88 -25.74 21.51 -2.05
N ILE C 89 -24.76 21.61 -1.11
CA ILE C 89 -23.34 21.40 -1.44
C ILE C 89 -23.03 19.95 -1.90
N ILE C 90 -23.52 18.94 -1.18
CA ILE C 90 -23.25 17.55 -1.53
C ILE C 90 -23.96 17.10 -2.85
N HIS C 91 -25.01 17.84 -3.31
CA HIS C 91 -25.75 17.50 -4.54
C HIS C 91 -25.36 18.37 -5.73
N LYS C 92 -25.14 19.67 -5.52
CA LYS C 92 -24.81 20.59 -6.60
C LYS C 92 -23.37 21.10 -6.58
N GLY C 93 -22.67 20.89 -5.46
CA GLY C 93 -21.30 21.35 -5.24
C GLY C 93 -21.26 22.76 -4.66
N PHE C 94 -20.06 23.23 -4.31
CA PHE C 94 -19.82 24.58 -3.81
C PHE C 94 -20.10 25.58 -4.93
N ASP C 95 -20.75 26.70 -4.59
CA ASP C 95 -21.11 27.73 -5.55
C ASP C 95 -20.73 29.10 -5.01
N GLU C 96 -19.75 29.78 -5.67
CA GLU C 96 -19.25 31.11 -5.26
C GLU C 96 -20.32 32.21 -5.33
N ARG C 97 -21.41 31.95 -6.05
CA ARG C 97 -22.52 32.89 -6.20
C ARG C 97 -23.29 33.12 -4.88
N HIS C 98 -23.16 32.18 -3.92
CA HIS C 98 -23.75 32.26 -2.57
C HIS C 98 -22.80 32.92 -1.55
N ALA C 99 -21.58 33.30 -1.95
CA ALA C 99 -20.63 33.99 -1.08
C ALA C 99 -20.98 35.46 -0.92
N ALA C 107 -17.18 38.37 -1.57
CA ALA C 107 -17.00 37.10 -2.27
C ALA C 107 -16.10 36.13 -1.53
N GLY C 108 -16.04 34.93 -2.04
CA GLY C 108 -15.20 33.86 -1.54
C GLY C 108 -15.91 32.80 -0.73
N ILE C 109 -15.48 31.54 -0.91
CA ILE C 109 -15.94 30.39 -0.15
C ILE C 109 -14.85 30.19 0.92
N TYR C 110 -15.29 30.16 2.20
CA TYR C 110 -14.40 30.07 3.37
C TYR C 110 -14.32 28.70 3.97
N PHE C 111 -13.09 28.31 4.33
CA PHE C 111 -12.77 27.04 4.98
C PHE C 111 -11.88 27.32 6.16
N ALA C 112 -11.84 26.38 7.11
CA ALA C 112 -11.02 26.52 8.31
C ALA C 112 -10.15 25.28 8.54
N GLU C 113 -8.96 25.49 9.14
CA GLU C 113 -8.10 24.37 9.56
C GLU C 113 -8.53 23.91 10.98
N ASN C 114 -9.42 24.66 11.67
CA ASN C 114 -9.99 24.39 13.00
C ASN C 114 -11.44 24.05 12.90
N SER C 115 -11.82 22.82 13.23
CA SER C 115 -13.23 22.35 13.14
C SER C 115 -14.21 23.25 13.94
N SER C 116 -13.76 23.74 15.12
CA SER C 116 -14.58 24.61 15.99
C SER C 116 -14.94 25.95 15.31
N LYS C 117 -14.11 26.42 14.37
CA LYS C 117 -14.40 27.64 13.61
C LYS C 117 -15.58 27.37 12.65
N SER C 118 -15.55 26.23 11.96
CA SER C 118 -16.62 25.79 11.05
C SER C 118 -17.95 25.53 11.76
N ASN C 119 -17.90 25.03 13.02
CA ASN C 119 -19.05 24.79 13.89
C ASN C 119 -19.82 26.10 14.24
N GLN C 120 -19.14 27.26 14.25
CA GLN C 120 -19.76 28.59 14.48
C GLN C 120 -20.73 29.03 13.36
N TYR C 121 -20.66 28.37 12.19
CA TYR C 121 -21.45 28.67 11.00
C TYR C 121 -22.52 27.67 10.62
N VAL C 122 -22.54 26.52 11.29
CA VAL C 122 -23.45 25.40 11.00
C VAL C 122 -24.94 25.86 11.01
N TYR C 123 -25.32 26.75 11.95
CA TYR C 123 -26.70 27.24 12.04
C TYR C 123 -26.93 28.63 11.40
N GLY C 124 -25.88 29.19 10.81
CA GLY C 124 -25.88 30.50 10.19
C GLY C 124 -24.78 31.38 10.73
N ILE C 125 -24.67 32.62 10.23
CA ILE C 125 -23.68 33.62 10.64
C ILE C 125 -23.91 33.95 12.12
N GLY C 126 -22.84 33.81 12.91
CA GLY C 126 -22.91 34.03 14.36
C GLY C 126 -23.73 32.95 15.07
N GLY C 127 -23.97 31.84 14.37
CA GLY C 127 -24.72 30.70 14.86
C GLY C 127 -26.22 30.83 14.67
N GLY C 128 -26.64 31.88 13.97
CA GLY C 128 -28.06 32.16 13.72
C GLY C 128 -28.90 32.15 14.98
N THR C 129 -30.00 31.37 14.98
CA THR C 129 -30.86 31.22 16.16
C THR C 129 -30.68 29.82 16.77
N GLY C 130 -29.56 29.17 16.47
CA GLY C 130 -29.28 27.83 16.95
C GLY C 130 -30.09 26.76 16.26
N CYS C 131 -30.20 25.60 16.90
CA CYS C 131 -30.95 24.44 16.37
C CYS C 131 -32.44 24.78 16.08
N PRO C 132 -33.03 24.17 15.05
CA PRO C 132 -34.46 24.42 14.75
C PRO C 132 -35.45 24.07 15.87
N THR C 133 -35.22 22.96 16.58
CA THR C 133 -36.12 22.46 17.64
C THR C 133 -36.10 23.29 18.92
N HIS C 134 -34.92 23.65 19.43
CA HIS C 134 -34.85 24.31 20.73
C HIS C 134 -34.42 25.76 20.64
N LYS C 135 -33.99 26.23 19.43
CA LYS C 135 -33.51 27.60 19.20
C LYS C 135 -32.33 27.85 20.17
N ASP C 136 -31.36 26.92 20.18
CA ASP C 136 -30.23 26.94 21.10
C ASP C 136 -28.93 26.77 20.33
N ARG C 137 -28.06 27.79 20.40
CA ARG C 137 -26.75 27.80 19.69
C ARG C 137 -25.79 26.81 20.30
N SER C 138 -26.06 26.44 21.58
CA SER C 138 -25.24 25.50 22.33
C SER C 138 -25.96 24.16 22.58
N CYS C 139 -26.95 23.81 21.70
CA CYS C 139 -27.70 22.55 21.86
C CYS C 139 -26.78 21.34 21.86
N TYR C 140 -26.91 20.47 22.87
CA TYR C 140 -26.10 19.27 23.01
C TYR C 140 -26.87 18.02 22.53
N ILE C 141 -28.12 18.22 22.04
CA ILE C 141 -29.00 17.13 21.63
C ILE C 141 -29.04 16.95 20.14
N CYS C 142 -29.40 18.03 19.43
CA CYS C 142 -29.57 18.04 17.97
C CYS C 142 -28.28 17.70 17.22
N HIS C 143 -28.44 16.84 16.19
CA HIS C 143 -27.36 16.37 15.35
C HIS C 143 -27.01 17.47 14.33
N ARG C 144 -25.76 17.88 14.34
CA ARG C 144 -25.21 18.89 13.45
C ARG C 144 -24.44 18.16 12.36
N GLN C 145 -24.11 18.88 11.27
CA GLN C 145 -23.32 18.35 10.17
C GLN C 145 -22.31 19.34 9.71
N MET C 146 -21.13 18.86 9.34
CA MET C 146 -20.07 19.71 8.76
C MET C 146 -19.32 18.93 7.73
N LEU C 147 -18.59 19.62 6.86
CA LEU C 147 -17.82 18.94 5.82
C LEU C 147 -16.33 19.02 6.09
N PHE C 148 -15.60 17.97 5.71
CA PHE C 148 -14.14 17.90 5.69
C PHE C 148 -13.83 17.70 4.18
N CYS C 149 -13.36 18.79 3.54
CA CYS C 149 -13.19 18.93 2.09
C CYS C 149 -11.79 18.90 1.58
N ARG C 150 -11.65 18.47 0.29
CA ARG C 150 -10.39 18.57 -0.46
C ARG C 150 -10.47 19.97 -1.07
N VAL C 151 -9.48 20.80 -0.81
CA VAL C 151 -9.46 22.17 -1.33
C VAL C 151 -8.20 22.40 -2.13
N THR C 152 -8.35 22.73 -3.42
CA THR C 152 -7.24 23.10 -4.33
C THR C 152 -6.86 24.55 -4.05
N LEU C 153 -5.70 24.76 -3.42
CA LEU C 153 -5.24 26.12 -3.11
C LEU C 153 -4.34 26.74 -4.16
N GLY C 154 -3.63 25.93 -4.94
CA GLY C 154 -2.67 26.43 -5.92
C GLY C 154 -1.68 27.38 -5.28
N LYS C 155 -1.43 28.55 -5.91
CA LYS C 155 -0.55 29.55 -5.29
C LYS C 155 -1.42 30.42 -4.42
N SER C 156 -1.17 30.40 -3.11
CA SER C 156 -1.90 31.14 -2.10
C SER C 156 -1.29 32.51 -1.85
N PHE C 157 -2.15 33.50 -1.70
CA PHE C 157 -1.73 34.84 -1.36
C PHE C 157 -1.92 34.98 0.16
N LEU C 158 -0.80 35.15 0.86
CA LEU C 158 -0.76 35.24 2.34
C LEU C 158 -1.05 36.65 2.82
N GLN C 159 -2.14 36.79 3.60
CA GLN C 159 -2.54 38.09 4.10
C GLN C 159 -2.73 38.08 5.63
N PHE C 160 -2.04 39.02 6.28
CA PHE C 160 -2.08 39.15 7.74
C PHE C 160 -3.16 40.11 8.18
N SER C 161 -3.37 41.21 7.42
CA SER C 161 -4.42 42.18 7.73
C SER C 161 -5.70 41.79 6.98
N THR C 162 -6.86 42.32 7.45
CA THR C 162 -8.15 42.04 6.84
C THR C 162 -8.41 42.93 5.60
N ILE C 163 -7.76 42.57 4.46
CA ILE C 163 -7.92 43.23 3.17
C ILE C 163 -9.06 42.49 2.45
N LYS C 164 -10.17 43.19 2.15
CA LYS C 164 -11.32 42.59 1.45
C LYS C 164 -11.06 42.47 -0.07
N MET C 165 -11.28 41.26 -0.64
CA MET C 165 -11.09 41.08 -2.10
C MET C 165 -12.14 40.18 -2.72
N ALA C 166 -12.49 40.48 -3.97
CA ALA C 166 -13.51 39.84 -4.80
C ALA C 166 -13.02 38.62 -5.54
N HIS C 167 -11.71 38.55 -5.78
CA HIS C 167 -11.02 37.48 -6.50
C HIS C 167 -9.64 37.31 -5.89
N ALA C 168 -8.92 36.24 -6.26
CA ALA C 168 -7.54 36.05 -5.80
C ALA C 168 -6.65 37.06 -6.58
N PRO C 169 -5.51 37.54 -6.03
CA PRO C 169 -4.66 38.46 -6.81
C PRO C 169 -4.10 37.81 -8.08
N PRO C 170 -3.65 38.58 -9.08
CA PRO C 170 -3.08 37.94 -10.29
C PRO C 170 -1.97 36.91 -9.98
N GLY C 171 -2.00 35.79 -10.71
CA GLY C 171 -1.07 34.69 -10.54
C GLY C 171 -1.39 33.73 -9.40
N HIS C 172 -2.39 34.04 -8.55
CA HIS C 172 -2.78 33.26 -7.38
C HIS C 172 -4.11 32.56 -7.55
N HIS C 173 -4.38 31.49 -6.74
CA HIS C 173 -5.61 30.69 -6.85
C HIS C 173 -6.44 30.66 -5.58
N SER C 174 -5.89 31.19 -4.48
CA SER C 174 -6.55 31.25 -3.19
C SER C 174 -5.94 32.37 -2.35
N VAL C 175 -6.60 32.68 -1.22
CA VAL C 175 -6.15 33.68 -0.25
C VAL C 175 -6.13 33.04 1.13
N ILE C 176 -5.03 33.21 1.90
CA ILE C 176 -4.98 32.66 3.27
C ILE C 176 -4.84 33.80 4.27
N GLY C 177 -5.85 33.93 5.12
CA GLY C 177 -5.85 34.88 6.21
C GLY C 177 -5.11 34.23 7.37
N ARG C 178 -3.81 34.51 7.50
CA ARG C 178 -2.97 33.94 8.55
C ARG C 178 -3.23 34.64 9.88
N PRO C 179 -3.23 33.87 11.01
CA PRO C 179 -3.51 34.50 12.32
C PRO C 179 -2.53 35.61 12.71
N SER C 180 -3.08 36.78 13.10
CA SER C 180 -2.29 37.96 13.52
C SER C 180 -2.94 38.77 14.66
N VAL C 181 -2.12 39.54 15.38
CA VAL C 181 -2.57 40.38 16.49
C VAL C 181 -3.09 41.73 15.96
N LEU C 184 -6.40 38.29 12.70
CA LEU C 184 -7.21 37.11 12.91
C LEU C 184 -6.74 36.26 14.08
N ALA C 185 -7.70 35.62 14.77
CA ALA C 185 -7.45 34.68 15.86
C ALA C 185 -7.00 33.34 15.29
N TYR C 186 -7.72 32.85 14.25
CA TYR C 186 -7.46 31.58 13.57
C TYR C 186 -7.33 31.75 12.05
N ALA C 187 -6.64 30.80 11.40
CA ALA C 187 -6.40 30.81 9.94
C ALA C 187 -7.70 30.60 9.12
N GLU C 188 -7.92 31.42 8.07
CA GLU C 188 -9.07 31.35 7.13
C GLU C 188 -8.50 31.06 5.74
N TYR C 189 -9.20 30.19 4.97
CA TYR C 189 -8.78 29.78 3.64
C TYR C 189 -9.90 30.14 2.69
N VAL C 190 -9.59 30.97 1.70
CA VAL C 190 -10.60 31.48 0.77
C VAL C 190 -10.32 31.10 -0.70
N ILE C 191 -11.38 30.63 -1.40
CA ILE C 191 -11.38 30.28 -2.84
C ILE C 191 -12.51 31.06 -3.52
N TYR C 192 -12.36 31.34 -4.81
CA TYR C 192 -13.35 32.16 -5.48
C TYR C 192 -14.07 31.41 -6.62
N ARG C 193 -13.87 30.09 -6.69
CA ARG C 193 -14.49 29.19 -7.67
C ARG C 193 -14.87 27.93 -6.92
N GLY C 194 -16.15 27.54 -7.03
CA GLY C 194 -16.68 26.33 -6.38
C GLY C 194 -15.96 25.04 -6.74
N GLU C 195 -15.39 24.97 -7.97
CA GLU C 195 -14.67 23.80 -8.51
C GLU C 195 -13.33 23.53 -7.81
N GLN C 196 -12.88 24.49 -6.95
CA GLN C 196 -11.65 24.36 -6.18
C GLN C 196 -11.86 23.65 -4.84
N ALA C 197 -13.06 23.09 -4.61
CA ALA C 197 -13.36 22.30 -3.42
C ALA C 197 -14.25 21.12 -3.72
N TYR C 198 -13.93 19.95 -3.11
CA TYR C 198 -14.76 18.76 -3.22
C TYR C 198 -15.21 18.40 -1.79
N PRO C 199 -16.54 18.23 -1.54
CA PRO C 199 -16.98 17.92 -0.16
C PRO C 199 -16.76 16.41 0.17
N GLU C 200 -15.50 15.98 0.43
CA GLU C 200 -15.13 14.57 0.63
C GLU C 200 -15.88 13.80 1.73
N TYR C 201 -15.93 14.38 2.94
CA TYR C 201 -16.55 13.74 4.09
C TYR C 201 -17.68 14.55 4.67
N LEU C 202 -18.81 13.88 4.96
CA LEU C 202 -19.97 14.47 5.62
C LEU C 202 -19.96 13.92 7.04
N ILE C 203 -19.71 14.80 8.02
CA ILE C 203 -19.63 14.39 9.43
C ILE C 203 -20.91 14.77 10.16
N THR C 204 -21.56 13.78 10.83
CA THR C 204 -22.74 14.03 11.68
C THR C 204 -22.26 13.96 13.12
N TYR C 205 -22.58 14.97 13.92
CA TYR C 205 -22.05 15.00 15.28
C TYR C 205 -22.90 15.84 16.23
N GLN C 206 -22.52 15.81 17.51
CA GLN C 206 -23.06 16.65 18.55
C GLN C 206 -21.88 17.30 19.22
N ILE C 207 -22.07 18.49 19.76
CA ILE C 207 -21.05 19.10 20.62
C ILE C 207 -21.32 18.48 21.99
N MET C 208 -20.25 18.21 22.78
CA MET C 208 -20.42 17.58 24.10
C MET C 208 -20.40 18.58 25.25
N LYS C 209 -21.28 18.40 26.24
CA LYS C 209 -21.32 19.27 27.40
C LYS C 209 -20.17 18.92 28.35
N PRO C 210 -19.35 19.92 28.75
CA PRO C 210 -18.25 19.62 29.71
C PRO C 210 -18.71 19.04 31.06
N GLU C 211 -17.90 18.10 31.60
CA GLU C 211 -18.06 17.45 32.91
C GLU C 211 -18.23 18.53 33.98
N ALA C 212 -19.00 18.22 35.04
CA ALA C 212 -19.25 19.12 36.16
C ALA C 212 -18.05 19.14 37.11
N ALA D 1 30.19 -9.40 -1.82
CA ALA D 1 30.07 -8.43 -0.74
C ALA D 1 29.17 -8.95 0.43
N GLY D 2 29.11 -8.20 1.54
CA GLY D 2 28.38 -8.51 2.78
C GLY D 2 26.93 -8.90 2.59
N THR D 3 26.61 -10.18 2.81
CA THR D 3 25.26 -10.71 2.67
C THR D 3 24.62 -10.99 4.05
N ILE D 4 23.35 -10.62 4.21
CA ILE D 4 22.53 -10.93 5.39
C ILE D 4 21.46 -11.91 4.93
N LEU D 5 21.25 -12.98 5.70
CA LEU D 5 20.20 -13.96 5.48
C LEU D 5 19.12 -13.74 6.52
N LEU D 6 17.90 -13.42 6.09
CA LEU D 6 16.80 -13.19 7.05
C LEU D 6 15.88 -14.36 7.03
N ASP D 7 15.73 -15.03 8.17
CA ASP D 7 14.87 -16.20 8.29
C ASP D 7 13.40 -15.82 8.25
N LEU D 8 12.63 -16.50 7.40
CA LEU D 8 11.19 -16.30 7.31
C LEU D 8 10.52 -17.30 8.23
N ALA D 9 9.49 -16.87 8.96
CA ALA D 9 8.74 -17.73 9.91
C ALA D 9 7.69 -18.55 9.14
N PRO D 10 7.52 -19.85 9.45
CA PRO D 10 6.50 -20.67 8.74
C PRO D 10 5.06 -20.12 8.75
N GLU D 11 4.73 -19.27 9.74
CA GLU D 11 3.42 -18.60 9.89
C GLU D 11 3.26 -17.36 8.98
N ASP D 12 4.36 -16.83 8.44
CA ASP D 12 4.37 -15.67 7.53
C ASP D 12 3.85 -16.08 6.16
N LYS D 13 2.96 -15.25 5.58
CA LYS D 13 2.35 -15.39 4.24
C LYS D 13 3.42 -15.53 3.13
N GLU D 14 4.57 -14.86 3.31
CA GLU D 14 5.70 -14.84 2.38
C GLU D 14 6.38 -16.21 2.30
N TYR D 15 6.63 -16.83 3.45
CA TYR D 15 7.23 -18.17 3.56
C TYR D 15 6.30 -19.19 2.88
N GLN D 16 4.98 -19.08 3.15
CA GLN D 16 3.91 -19.94 2.65
C GLN D 16 3.75 -19.85 1.15
N SER D 17 3.89 -18.65 0.58
CA SER D 17 3.80 -18.38 -0.86
C SER D 17 4.96 -19.06 -1.61
N VAL D 18 6.19 -18.99 -1.02
CA VAL D 18 7.40 -19.61 -1.56
C VAL D 18 7.30 -21.14 -1.52
N GLU D 19 6.91 -21.71 -0.35
CA GLU D 19 6.72 -23.15 -0.18
C GLU D 19 5.63 -23.69 -1.14
N GLU D 20 4.50 -22.98 -1.28
CA GLU D 20 3.42 -23.35 -2.17
C GLU D 20 3.90 -23.39 -3.63
N GLU D 21 4.76 -22.42 -4.04
CA GLU D 21 5.32 -22.40 -5.39
C GLU D 21 6.23 -23.60 -5.61
N MET D 22 7.07 -23.93 -4.61
CA MET D 22 7.99 -25.07 -4.63
C MET D 22 7.25 -26.42 -4.72
N GLN D 23 6.28 -26.63 -3.82
CA GLN D 23 5.53 -27.87 -3.76
C GLN D 23 4.65 -28.11 -4.97
N SER D 24 3.94 -27.06 -5.44
CA SER D 24 2.99 -27.16 -6.55
C SER D 24 3.63 -27.33 -7.94
N THR D 25 4.89 -27.02 -8.10
CA THR D 25 5.53 -27.12 -9.40
C THR D 25 6.37 -28.41 -9.56
N ILE D 26 6.23 -29.37 -8.62
CA ILE D 26 6.88 -30.68 -8.74
C ILE D 26 6.21 -31.46 -9.88
N ARG D 27 7.05 -32.05 -10.74
CA ARG D 27 6.58 -32.87 -11.84
C ARG D 27 7.32 -34.20 -11.84
N GLU D 28 6.80 -35.18 -12.61
CA GLU D 28 7.45 -36.47 -12.78
C GLU D 28 8.40 -36.27 -13.94
N HIS D 29 9.66 -36.65 -13.79
CA HIS D 29 10.61 -36.45 -14.89
C HIS D 29 10.82 -37.73 -15.67
N ARG D 30 11.10 -37.59 -16.97
CA ARG D 30 11.29 -38.67 -17.95
C ARG D 30 12.34 -39.71 -17.49
N ASP D 31 13.28 -39.23 -16.69
CA ASP D 31 14.45 -39.79 -16.04
C ASP D 31 14.17 -40.91 -15.03
N GLY D 32 12.94 -40.96 -14.51
CA GLY D 32 12.56 -41.88 -13.46
C GLY D 32 13.18 -41.54 -12.11
N GLY D 33 13.70 -40.32 -11.97
CA GLY D 33 14.32 -39.82 -10.74
C GLY D 33 15.83 -40.05 -10.63
N ASN D 34 16.49 -40.42 -11.74
CA ASN D 34 17.94 -40.69 -11.72
C ASN D 34 18.80 -39.51 -11.27
N ALA D 35 18.56 -38.30 -11.82
CA ALA D 35 19.31 -37.11 -11.50
C ALA D 35 18.97 -36.49 -10.13
N GLY D 36 17.70 -36.30 -9.83
CA GLY D 36 17.27 -35.61 -8.61
C GLY D 36 16.67 -36.44 -7.48
N GLY D 37 16.37 -37.70 -7.76
CA GLY D 37 15.76 -38.59 -6.78
C GLY D 37 14.29 -38.87 -7.01
N ILE D 38 13.73 -39.79 -6.21
CA ILE D 38 12.32 -40.19 -6.32
C ILE D 38 11.57 -39.57 -5.15
N PHE D 39 10.60 -38.71 -5.45
CA PHE D 39 9.78 -37.99 -4.45
C PHE D 39 8.55 -37.38 -5.09
N ASN D 40 7.52 -37.10 -4.29
CA ASN D 40 6.32 -36.39 -4.75
C ASN D 40 6.10 -35.09 -3.94
N ARG D 41 6.94 -34.86 -2.91
CA ARG D 41 6.90 -33.75 -1.96
C ARG D 41 8.28 -33.45 -1.39
N TYR D 42 8.48 -32.23 -0.91
CA TYR D 42 9.70 -31.84 -0.20
C TYR D 42 9.39 -31.68 1.27
N ASN D 43 10.43 -31.72 2.09
CA ASN D 43 10.33 -31.31 3.47
C ASN D 43 11.10 -29.97 3.57
N VAL D 44 10.38 -28.83 3.69
CA VAL D 44 11.06 -27.52 3.76
C VAL D 44 11.62 -27.31 5.18
N ILE D 45 12.94 -27.09 5.30
CA ILE D 45 13.60 -26.88 6.59
C ILE D 45 13.65 -25.40 6.99
N ARG D 46 14.06 -24.55 6.02
CA ARG D 46 14.27 -23.14 6.24
CA ARG D 46 14.22 -23.13 6.24
C ARG D 46 14.01 -22.39 4.94
N ILE D 47 13.50 -21.16 5.03
CA ILE D 47 13.35 -20.22 3.90
C ILE D 47 13.98 -18.92 4.36
N GLN D 48 15.04 -18.48 3.66
CA GLN D 48 15.78 -17.27 4.02
C GLN D 48 15.75 -16.26 2.89
N LYS D 49 15.53 -14.97 3.23
CA LYS D 49 15.56 -13.88 2.28
C LYS D 49 17.03 -13.39 2.20
N VAL D 50 17.58 -13.29 0.99
CA VAL D 50 18.96 -12.87 0.72
C VAL D 50 19.01 -11.35 0.53
N VAL D 51 19.84 -10.68 1.34
CA VAL D 51 20.00 -9.21 1.33
C VAL D 51 21.47 -8.90 1.07
N ASN D 52 21.72 -8.27 -0.07
CA ASN D 52 23.04 -7.83 -0.47
C ASN D 52 22.90 -6.52 -1.23
N LYS D 53 23.41 -5.40 -0.65
CA LYS D 53 23.37 -4.04 -1.20
C LYS D 53 23.87 -3.90 -2.64
N LYS D 54 25.09 -4.39 -2.95
CA LYS D 54 25.71 -4.28 -4.27
C LYS D 54 24.96 -5.12 -5.30
N LEU D 55 24.51 -6.32 -4.91
CA LEU D 55 23.76 -7.22 -5.78
C LEU D 55 22.43 -6.60 -6.20
N ARG D 56 21.76 -5.97 -5.23
CA ARG D 56 20.48 -5.32 -5.45
C ARG D 56 20.71 -4.11 -6.39
N GLU D 57 21.80 -3.38 -6.18
CA GLU D 57 22.16 -2.23 -7.01
C GLU D 57 22.41 -2.65 -8.49
N ARG D 58 23.25 -3.68 -8.72
CA ARG D 58 23.54 -4.18 -10.08
C ARG D 58 22.24 -4.65 -10.76
N PHE D 59 21.39 -5.39 -10.02
CA PHE D 59 20.09 -5.88 -10.50
C PHE D 59 19.14 -4.74 -10.88
N CYS D 60 18.95 -3.76 -9.99
CA CYS D 60 18.05 -2.62 -10.23
C CYS D 60 18.50 -1.75 -11.39
N HIS D 61 19.83 -1.53 -11.50
CA HIS D 61 20.40 -0.76 -12.59
C HIS D 61 20.11 -1.45 -13.95
N ARG D 62 20.31 -2.78 -14.03
CA ARG D 62 20.05 -3.54 -15.24
C ARG D 62 18.55 -3.55 -15.60
N GLN D 63 17.68 -3.72 -14.58
CA GLN D 63 16.23 -3.73 -14.77
C GLN D 63 15.72 -2.45 -15.41
N LYS D 64 16.27 -1.27 -15.00
CA LYS D 64 15.93 0.04 -15.56
C LYS D 64 16.31 0.11 -17.03
N GLU D 65 17.52 -0.38 -17.38
CA GLU D 65 18.02 -0.41 -18.78
C GLU D 65 17.09 -1.26 -19.66
N VAL D 66 16.71 -2.46 -19.17
CA VAL D 66 15.85 -3.40 -19.91
C VAL D 66 14.44 -2.81 -20.14
N SER D 67 13.85 -2.21 -19.10
CA SER D 67 12.55 -1.54 -19.15
C SER D 67 12.55 -0.44 -20.22
N GLU D 68 13.61 0.38 -20.28
CA GLU D 68 13.76 1.46 -21.26
C GLU D 68 13.83 0.92 -22.71
N GLU D 69 14.53 -0.22 -22.89
CA GLU D 69 14.70 -0.87 -24.19
C GLU D 69 13.44 -1.64 -24.60
N ASN D 70 12.57 -2.02 -23.65
CA ASN D 70 11.38 -2.85 -23.93
C ASN D 70 10.03 -2.15 -23.63
N HIS D 71 9.88 -0.90 -24.11
CA HIS D 71 8.64 -0.11 -24.01
C HIS D 71 8.04 -0.08 -22.58
N ASN D 72 8.92 0.05 -21.57
CA ASN D 72 8.63 0.11 -20.13
C ASN D 72 8.17 -1.23 -19.54
N HIS D 73 8.51 -2.36 -20.19
CA HIS D 73 8.18 -3.71 -19.68
C HIS D 73 9.46 -4.51 -19.35
N HIS D 74 9.87 -4.52 -18.08
CA HIS D 74 11.05 -5.30 -17.69
C HIS D 74 10.77 -6.81 -17.61
N ASN D 75 9.44 -7.18 -17.54
CA ASN D 75 8.90 -8.55 -17.54
C ASN D 75 9.64 -9.46 -16.53
N GLU D 76 9.61 -9.05 -15.25
CA GLU D 76 10.24 -9.82 -14.18
C GLU D 76 9.40 -11.05 -13.85
N ARG D 77 10.06 -12.18 -13.58
CA ARG D 77 9.45 -13.44 -13.17
C ARG D 77 10.21 -14.06 -12.01
N MET D 78 9.52 -14.75 -11.12
CA MET D 78 10.10 -15.53 -10.01
C MET D 78 10.32 -16.94 -10.56
N LEU D 79 11.58 -17.38 -10.59
CA LEU D 79 11.95 -18.69 -11.16
C LEU D 79 12.97 -19.39 -10.27
N PHE D 80 13.05 -20.74 -10.37
CA PHE D 80 13.97 -21.57 -9.57
C PHE D 80 15.34 -21.74 -10.22
N HIS D 81 16.38 -21.86 -9.38
CA HIS D 81 17.73 -22.15 -9.83
C HIS D 81 18.39 -23.13 -8.83
N GLY D 82 18.87 -24.27 -9.34
CA GLY D 82 19.61 -25.27 -8.58
C GLY D 82 21.03 -25.35 -9.13
N SER D 83 22.05 -25.34 -8.25
CA SER D 83 23.47 -25.41 -8.65
C SER D 83 24.42 -25.70 -7.45
N PRO D 84 25.57 -26.40 -7.63
CA PRO D 84 26.47 -26.63 -6.49
C PRO D 84 27.23 -25.39 -6.00
N PHE D 85 27.05 -24.21 -6.63
CA PHE D 85 27.75 -23.03 -6.14
C PHE D 85 26.80 -21.89 -5.69
N ILE D 86 25.87 -22.26 -4.79
CA ILE D 86 24.88 -21.43 -4.12
C ILE D 86 25.62 -20.39 -3.28
N ASN D 87 26.68 -20.81 -2.56
CA ASN D 87 27.44 -19.93 -1.68
C ASN D 87 28.08 -18.79 -2.43
N ALA D 88 28.61 -19.07 -3.65
CA ALA D 88 29.22 -18.03 -4.48
C ALA D 88 28.12 -17.10 -5.02
N ILE D 89 26.92 -17.66 -5.39
CA ILE D 89 25.82 -16.84 -5.92
C ILE D 89 25.27 -15.81 -4.90
N ILE D 90 25.02 -16.25 -3.66
CA ILE D 90 24.46 -15.35 -2.64
C ILE D 90 25.48 -14.26 -2.17
N HIS D 91 26.80 -14.44 -2.41
CA HIS D 91 27.85 -13.49 -2.02
C HIS D 91 28.36 -12.62 -3.16
N LYS D 92 28.51 -13.21 -4.35
CA LYS D 92 29.06 -12.49 -5.50
C LYS D 92 28.03 -12.23 -6.60
N GLY D 93 26.88 -12.91 -6.53
CA GLY D 93 25.82 -12.84 -7.53
C GLY D 93 26.01 -13.83 -8.66
N PHE D 94 25.01 -13.93 -9.56
CA PHE D 94 25.07 -14.78 -10.75
C PHE D 94 26.16 -14.29 -11.69
N ASP D 95 26.90 -15.22 -12.27
CA ASP D 95 27.98 -14.91 -13.19
C ASP D 95 27.87 -15.81 -14.41
N GLU D 96 27.61 -15.20 -15.58
CA GLU D 96 27.47 -15.91 -16.86
C GLU D 96 28.77 -16.60 -17.34
N ARG D 97 29.93 -16.17 -16.79
CA ARG D 97 31.25 -16.73 -17.13
C ARG D 97 31.42 -18.20 -16.73
N HIS D 98 30.56 -18.71 -15.83
CA HIS D 98 30.52 -20.11 -15.40
C HIS D 98 29.59 -20.95 -16.28
N ALA D 99 28.83 -20.31 -17.21
CA ALA D 99 27.90 -21.01 -18.12
C ALA D 99 28.64 -21.63 -19.30
N ALA D 107 26.90 -20.91 -23.37
CA ALA D 107 26.47 -19.73 -22.62
C ALA D 107 25.07 -19.81 -22.03
N GLY D 108 24.79 -18.92 -21.10
CA GLY D 108 23.48 -18.77 -20.50
C GLY D 108 23.34 -19.30 -19.10
N ILE D 109 22.61 -18.54 -18.27
CA ILE D 109 22.24 -18.91 -16.92
C ILE D 109 20.79 -19.40 -17.06
N TYR D 110 20.54 -20.63 -16.56
CA TYR D 110 19.28 -21.34 -16.68
C TYR D 110 18.46 -21.32 -15.41
N PHE D 111 17.15 -21.10 -15.60
CA PHE D 111 16.14 -21.07 -14.55
C PHE D 111 14.98 -21.91 -15.00
N ALA D 112 14.19 -22.39 -14.04
CA ALA D 112 13.03 -23.23 -14.31
C ALA D 112 11.79 -22.72 -13.58
N GLU D 113 10.61 -22.94 -14.19
CA GLU D 113 9.35 -22.63 -13.52
C GLU D 113 8.91 -23.86 -12.66
N ASN D 114 9.61 -25.04 -12.81
CA ASN D 114 9.38 -26.29 -12.03
C ASN D 114 10.53 -26.54 -11.09
N SER D 115 10.28 -26.50 -9.78
CA SER D 115 11.29 -26.66 -8.74
C SER D 115 11.99 -28.01 -8.80
N SER D 116 11.30 -29.05 -9.30
CA SER D 116 11.90 -30.38 -9.39
C SER D 116 12.90 -30.50 -10.55
N LYS D 117 12.86 -29.54 -11.49
CA LYS D 117 13.82 -29.47 -12.60
C LYS D 117 15.15 -28.90 -12.05
N SER D 118 15.09 -27.86 -11.21
CA SER D 118 16.24 -27.25 -10.54
C SER D 118 16.88 -28.22 -9.56
N ASN D 119 16.07 -29.02 -8.85
CA ASN D 119 16.54 -30.09 -7.93
C ASN D 119 17.49 -31.12 -8.63
N GLN D 120 17.32 -31.34 -9.97
CA GLN D 120 18.16 -32.22 -10.78
C GLN D 120 19.61 -31.71 -10.93
N TYR D 121 19.84 -30.44 -10.61
CA TYR D 121 21.12 -29.74 -10.78
C TYR D 121 21.84 -29.33 -9.50
N VAL D 122 21.16 -29.46 -8.36
CA VAL D 122 21.64 -29.15 -7.01
C VAL D 122 23.03 -29.80 -6.70
N TYR D 123 23.28 -31.04 -7.17
CA TYR D 123 24.55 -31.75 -6.94
C TYR D 123 25.49 -31.78 -8.16
N GLY D 124 25.06 -31.17 -9.24
CA GLY D 124 25.80 -31.13 -10.49
C GLY D 124 24.91 -31.55 -11.65
N ILE D 125 25.47 -31.52 -12.86
CA ILE D 125 24.80 -31.93 -14.10
C ILE D 125 24.47 -33.43 -13.97
N GLY D 126 23.19 -33.75 -14.20
CA GLY D 126 22.69 -35.12 -14.08
C GLY D 126 22.69 -35.59 -12.63
N GLY D 127 22.78 -34.65 -11.70
CA GLY D 127 22.83 -34.90 -10.26
C GLY D 127 24.21 -35.25 -9.73
N GLY D 128 25.24 -35.13 -10.58
CA GLY D 128 26.63 -35.44 -10.23
C GLY D 128 26.78 -36.81 -9.61
N THR D 129 27.44 -36.88 -8.44
CA THR D 129 27.58 -38.13 -7.68
C THR D 129 26.70 -38.05 -6.40
N GLY D 130 25.67 -37.22 -6.42
CA GLY D 130 24.77 -37.06 -5.28
C GLY D 130 25.38 -36.31 -4.13
N CYS D 131 24.80 -36.47 -2.93
CA CYS D 131 25.24 -35.81 -1.70
C CYS D 131 26.71 -36.12 -1.36
N PRO D 132 27.43 -35.17 -0.73
CA PRO D 132 28.84 -35.42 -0.35
C PRO D 132 29.06 -36.59 0.60
N THR D 133 28.18 -36.73 1.61
CA THR D 133 28.30 -37.73 2.66
C THR D 133 28.03 -39.17 2.19
N HIS D 134 26.95 -39.39 1.44
CA HIS D 134 26.56 -40.75 1.09
C HIS D 134 26.70 -41.08 -0.38
N LYS D 135 27.07 -40.08 -1.22
CA LYS D 135 27.21 -40.25 -2.68
C LYS D 135 25.89 -40.81 -3.24
N ASP D 136 24.76 -40.16 -2.89
CA ASP D 136 23.42 -40.61 -3.24
C ASP D 136 22.62 -39.48 -3.87
N ARG D 137 22.22 -39.64 -5.15
CA ARG D 137 21.44 -38.64 -5.90
C ARG D 137 20.02 -38.54 -5.40
N SER D 138 19.54 -39.59 -4.70
CA SER D 138 18.21 -39.67 -4.12
C SER D 138 18.24 -39.63 -2.59
N CYS D 139 19.30 -39.06 -1.99
CA CYS D 139 19.43 -38.97 -0.52
C CYS D 139 18.24 -38.26 0.11
N TYR D 140 17.61 -38.90 1.09
CA TYR D 140 16.46 -38.35 1.81
C TYR D 140 16.87 -37.72 3.14
N ILE D 141 18.17 -37.76 3.45
CA ILE D 141 18.72 -37.27 4.72
C ILE D 141 19.33 -35.89 4.59
N CYS D 142 20.32 -35.78 3.71
CA CYS D 142 21.09 -34.54 3.50
C CYS D 142 20.22 -33.36 3.05
N HIS D 143 20.52 -32.21 3.68
CA HIS D 143 19.83 -30.94 3.45
C HIS D 143 20.36 -30.33 2.15
N ARG D 144 19.46 -30.13 1.20
CA ARG D 144 19.77 -29.54 -0.10
C ARG D 144 19.35 -28.08 -0.03
N GLN D 145 19.83 -27.28 -1.00
CA GLN D 145 19.51 -25.87 -1.12
C GLN D 145 19.23 -25.53 -2.57
N MET D 146 18.25 -24.65 -2.79
CA MET D 146 17.97 -24.11 -4.13
C MET D 146 17.56 -22.66 -3.99
N LEU D 147 17.53 -21.95 -5.10
CA LEU D 147 17.15 -20.54 -5.06
C LEU D 147 15.83 -20.29 -5.77
N PHE D 148 15.06 -19.33 -5.26
CA PHE D 148 13.84 -18.83 -5.91
C PHE D 148 14.20 -17.34 -6.16
N CYS D 149 14.46 -17.02 -7.43
CA CYS D 149 15.01 -15.75 -7.91
C CYS D 149 14.07 -14.82 -8.63
N ARG D 150 14.38 -13.49 -8.58
CA ARG D 150 13.70 -12.48 -9.40
C ARG D 150 14.53 -12.47 -10.69
N VAL D 151 13.88 -12.69 -11.82
CA VAL D 151 14.58 -12.75 -13.10
C VAL D 151 13.98 -11.70 -14.07
N THR D 152 14.82 -10.79 -14.58
CA THR D 152 14.50 -9.76 -15.59
C THR D 152 14.57 -10.42 -16.96
N LEU D 153 13.39 -10.64 -17.56
CA LEU D 153 13.33 -11.30 -18.85
C LEU D 153 13.28 -10.34 -20.02
N GLY D 154 12.74 -9.14 -19.83
CA GLY D 154 12.59 -8.15 -20.89
C GLY D 154 11.81 -8.75 -22.05
N LYS D 155 12.31 -8.54 -23.30
CA LYS D 155 11.68 -9.16 -24.46
C LYS D 155 12.30 -10.54 -24.63
N SER D 156 11.48 -11.58 -24.45
CA SER D 156 11.90 -12.98 -24.54
C SER D 156 11.77 -13.49 -25.96
N PHE D 157 12.76 -14.29 -26.37
CA PHE D 157 12.71 -14.92 -27.67
C PHE D 157 12.22 -16.35 -27.40
N LEU D 158 11.02 -16.64 -27.93
CA LEU D 158 10.35 -17.91 -27.70
C LEU D 158 10.82 -18.94 -28.71
N GLN D 159 11.43 -20.01 -28.23
CA GLN D 159 11.82 -21.07 -29.13
C GLN D 159 11.45 -22.43 -28.56
N PHE D 160 10.78 -23.26 -29.36
CA PHE D 160 10.42 -24.61 -28.95
C PHE D 160 11.61 -25.51 -29.23
N SER D 161 12.40 -25.12 -30.26
CA SER D 161 13.60 -25.77 -30.78
C SER D 161 14.72 -25.96 -29.77
N THR D 162 15.42 -27.11 -29.86
CA THR D 162 16.54 -27.53 -29.00
C THR D 162 17.88 -27.11 -29.62
N ILE D 163 17.98 -25.83 -30.04
CA ILE D 163 19.17 -25.23 -30.65
C ILE D 163 19.57 -23.95 -29.86
N LYS D 164 20.61 -24.05 -28.99
CA LYS D 164 21.03 -22.94 -28.11
C LYS D 164 22.09 -21.99 -28.66
N MET D 165 21.99 -20.72 -28.18
CA MET D 165 22.79 -19.56 -28.53
C MET D 165 23.75 -19.08 -27.42
N ALA D 166 24.65 -18.16 -27.80
CA ALA D 166 25.68 -17.53 -26.97
C ALA D 166 25.17 -16.25 -26.34
N HIS D 167 24.13 -15.67 -26.94
CA HIS D 167 23.51 -14.42 -26.50
C HIS D 167 22.06 -14.45 -26.94
N ALA D 168 21.24 -13.54 -26.40
CA ALA D 168 19.85 -13.38 -26.81
C ALA D 168 19.84 -12.78 -28.25
N PRO D 169 18.85 -13.10 -29.10
CA PRO D 169 18.81 -12.53 -30.46
C PRO D 169 18.67 -11.01 -30.43
N PRO D 170 18.99 -10.29 -31.55
CA PRO D 170 18.85 -8.81 -31.54
C PRO D 170 17.48 -8.31 -31.06
N GLY D 171 17.49 -7.28 -30.22
CA GLY D 171 16.28 -6.68 -29.66
C GLY D 171 15.66 -7.41 -28.48
N HIS D 172 16.19 -8.61 -28.12
CA HIS D 172 15.70 -9.45 -27.02
C HIS D 172 16.65 -9.45 -25.80
N HIS D 173 16.14 -9.86 -24.62
CA HIS D 173 16.90 -9.84 -23.33
C HIS D 173 17.00 -11.19 -22.67
N SER D 174 16.25 -12.17 -23.18
CA SER D 174 16.23 -13.54 -22.66
C SER D 174 15.75 -14.50 -23.74
N VAL D 175 15.90 -15.83 -23.50
CA VAL D 175 15.43 -16.90 -24.38
C VAL D 175 14.54 -17.87 -23.56
N ILE D 176 13.31 -18.17 -24.05
CA ILE D 176 12.43 -19.12 -23.34
C ILE D 176 12.21 -20.35 -24.19
N GLY D 177 12.59 -21.49 -23.64
CA GLY D 177 12.33 -22.78 -24.26
C GLY D 177 10.98 -23.26 -23.78
N ARG D 178 9.93 -23.10 -24.62
CA ARG D 178 8.52 -23.50 -24.37
C ARG D 178 8.34 -25.03 -24.45
N PRO D 179 7.46 -25.65 -23.61
CA PRO D 179 7.31 -27.11 -23.67
C PRO D 179 6.51 -27.63 -24.87
N LEU D 184 10.62 -29.76 -25.66
CA LEU D 184 10.89 -29.76 -24.23
C LEU D 184 9.68 -30.26 -23.44
N ALA D 185 9.94 -30.93 -22.30
CA ALA D 185 8.91 -31.43 -21.40
C ALA D 185 8.50 -30.27 -20.49
N TYR D 186 9.49 -29.47 -20.02
CA TYR D 186 9.28 -28.32 -19.14
C TYR D 186 10.03 -27.11 -19.64
N ALA D 187 9.42 -25.92 -19.45
CA ALA D 187 9.96 -24.63 -19.87
C ALA D 187 11.30 -24.28 -19.21
N GLU D 188 12.26 -23.81 -20.03
CA GLU D 188 13.59 -23.35 -19.60
C GLU D 188 13.67 -21.84 -19.87
N TYR D 189 14.26 -21.07 -18.92
CA TYR D 189 14.41 -19.62 -19.01
C TYR D 189 15.88 -19.30 -18.95
N VAL D 190 16.39 -18.62 -20.00
CA VAL D 190 17.82 -18.36 -20.15
C VAL D 190 18.12 -16.85 -20.26
N ILE D 191 19.12 -16.39 -19.49
CA ILE D 191 19.65 -15.03 -19.49
C ILE D 191 21.16 -15.11 -19.74
N TYR D 192 21.73 -14.06 -20.31
CA TYR D 192 23.14 -14.07 -20.69
C TYR D 192 23.95 -13.00 -19.95
N ARG D 193 23.36 -12.39 -18.91
CA ARG D 193 23.98 -11.42 -18.01
C ARG D 193 23.49 -11.75 -16.60
N GLY D 194 24.44 -11.96 -15.68
CA GLY D 194 24.19 -12.20 -14.27
C GLY D 194 23.34 -11.15 -13.56
N GLU D 195 23.40 -9.92 -14.02
CA GLU D 195 22.65 -8.76 -13.45
C GLU D 195 21.14 -8.83 -13.70
N GLN D 196 20.68 -9.74 -14.62
CA GLN D 196 19.24 -9.97 -14.89
C GLN D 196 18.58 -10.95 -13.89
N ALA D 197 19.31 -11.34 -12.85
CA ALA D 197 18.76 -12.21 -11.80
C ALA D 197 19.23 -11.81 -10.41
N TYR D 198 18.30 -11.81 -9.46
CA TYR D 198 18.61 -11.54 -8.06
C TYR D 198 18.23 -12.79 -7.25
N PRO D 199 19.15 -13.39 -6.45
CA PRO D 199 18.79 -14.62 -5.70
C PRO D 199 17.96 -14.30 -4.46
N GLU D 200 16.67 -13.97 -4.62
CA GLU D 200 15.78 -13.50 -3.52
C GLU D 200 15.64 -14.43 -2.30
N TYR D 201 15.34 -15.71 -2.54
CA TYR D 201 15.11 -16.69 -1.47
C TYR D 201 16.06 -17.87 -1.55
N LEU D 202 16.61 -18.26 -0.37
CA LEU D 202 17.47 -19.43 -0.22
C LEU D 202 16.63 -20.47 0.51
N ILE D 203 16.29 -21.56 -0.18
CA ILE D 203 15.44 -22.61 0.37
C ILE D 203 16.29 -23.81 0.81
N THR D 204 16.17 -24.24 2.08
CA THR D 204 16.84 -25.44 2.61
C THR D 204 15.77 -26.50 2.73
N TYR D 205 16.03 -27.69 2.16
CA TYR D 205 14.99 -28.73 2.13
C TYR D 205 15.56 -30.13 2.00
N GLN D 206 14.67 -31.09 2.09
CA GLN D 206 14.94 -32.49 1.82
C GLN D 206 13.90 -32.94 0.82
N ILE D 207 14.25 -33.92 -0.01
CA ILE D 207 13.23 -34.55 -0.84
C ILE D 207 12.63 -35.62 0.09
N MET D 208 11.30 -35.88 -0.03
CA MET D 208 10.65 -36.86 0.85
C MET D 208 10.49 -38.20 0.19
N LYS D 209 10.73 -39.28 0.96
CA LYS D 209 10.58 -40.65 0.45
C LYS D 209 9.09 -41.00 0.43
N PRO D 210 8.56 -41.44 -0.73
CA PRO D 210 7.13 -41.83 -0.78
C PRO D 210 6.75 -42.98 0.15
N GLU D 211 5.48 -42.98 0.63
CA GLU D 211 4.91 -44.02 1.49
C GLU D 211 5.06 -45.37 0.80
N ALA D 212 5.33 -46.44 1.58
CA ALA D 212 5.52 -47.79 1.06
C ALA D 212 4.35 -48.35 0.18
N PRO D 213 3.04 -48.29 0.63
CA PRO D 213 1.93 -48.87 -0.16
C PRO D 213 2.13 -49.08 -1.65
#